data_5EUK
#
_entry.id   5EUK
#
_cell.length_a   63.930
_cell.length_b   82.060
_cell.length_c   212.090
_cell.angle_alpha   90.00
_cell.angle_beta   90.00
_cell.angle_gamma   90.00
#
_symmetry.space_group_name_H-M   'P 21 21 21'
#
loop_
_entity.id
_entity.type
_entity.pdbx_description
1 polymer 'Cetuximab Fab light chain'
2 polymer 'Cetuximab Fab heavy chain'
3 polymer 'F3H meditope'
4 non-polymer 'PHOSPHATE ION'
5 non-polymer 2-acetamido-2-deoxy-beta-D-glucopyranose
6 non-polymer MESO-ERYTHRITOL
7 water water
#
loop_
_entity_poly.entity_id
_entity_poly.type
_entity_poly.pdbx_seq_one_letter_code
_entity_poly.pdbx_strand_id
1 'polypeptide(L)'
;DILLTQSPVILSVSPGERVSFSCRASQSIGTNIHWYQQRTNGSPRLLIKYASESISGIPSRFSGSGSGTDFTLSINSVES
EDIADYYCQQNNNWPTTFGAGTKLELKRTVAAPSVFIFPPSDEQLKSGTASVVCLLNNFYPREAKVQWKVDNALQSGNSQ
ESVTEQDSKDSTYSLSSTLTLSKADYEKHKVYACEVTHQGLSSPVTKSFNRGA
;
A,C
2 'polypeptide(L)'
;QVQLKQSGPGLVQPSQSLSITCTVSGFSLTNYGVHWVRQSPGKGLEWLGVIWSGGNTDYNTPFTSRLSINKDNSKSQVFF
KMNSLQSNDTAIYYCARALTYYDYEFAYWGQGTLVTVSAASTKGPSVFPLAPSSKSTSGGTAALGCLVKDYFPEPVTVSW
NSGALTSGVHTFPAVLQSSGLYSLSSVVTVPSSSLGTQTYICNVNHKPSNTKVDKRVEPK
;
B,D
3 'polypeptide(L)' CQHDLSTRRLKC E,F
#
loop_
_chem_comp.id
_chem_comp.type
_chem_comp.name
_chem_comp.formula
MRY non-polymer MESO-ERYTHRITOL 'C4 H10 O4'
NAG D-saccharide, beta linking 2-acetamido-2-deoxy-beta-D-glucopyranose 'C8 H15 N O6'
PO4 non-polymer 'PHOSPHATE ION' 'O4 P -3'
#
# COMPACT_ATOMS: atom_id res chain seq x y z
N ASP A 1 -7.01 -28.70 -12.43
CA ASP A 1 -5.80 -27.93 -12.65
C ASP A 1 -5.17 -27.49 -11.34
N ILE A 2 -3.86 -27.30 -11.31
CA ILE A 2 -3.23 -26.71 -10.15
C ILE A 2 -3.60 -25.22 -10.04
N LEU A 3 -4.11 -24.83 -8.87
CA LEU A 3 -4.38 -23.42 -8.61
C LEU A 3 -3.18 -22.79 -7.91
N LEU A 4 -2.72 -21.68 -8.48
CA LEU A 4 -1.61 -20.96 -7.90
C LEU A 4 -2.16 -19.69 -7.29
N THR A 5 -1.88 -19.52 -5.99
CA THR A 5 -2.33 -18.33 -5.30
C THR A 5 -1.14 -17.42 -4.99
N GLN A 6 -1.18 -16.22 -5.56
CA GLN A 6 -0.13 -15.22 -5.34
C GLN A 6 -0.62 -14.18 -4.36
N SER A 7 0.21 -13.89 -3.35
CA SER A 7 -0.18 -12.97 -2.30
C SER A 7 1.03 -12.17 -1.85
N PRO A 8 0.80 -10.95 -1.35
CA PRO A 8 -0.51 -10.30 -1.44
C PRO A 8 -0.78 -9.81 -2.86
N VAL A 9 -1.94 -9.22 -3.05
CA VAL A 9 -2.31 -8.64 -4.33
C VAL A 9 -1.41 -7.47 -4.76
N ILE A 10 -1.08 -6.59 -3.80
CA ILE A 10 -0.21 -5.45 -4.06
C ILE A 10 0.94 -5.40 -3.08
N LEU A 11 2.14 -5.11 -3.57
CA LEU A 11 3.26 -4.76 -2.70
C LEU A 11 3.72 -3.34 -2.97
N SER A 12 3.98 -2.59 -1.90
CA SER A 12 4.47 -1.23 -2.01
C SER A 12 5.73 -1.07 -1.15
N VAL A 13 6.87 -0.85 -1.78
CA VAL A 13 8.13 -0.72 -1.03
C VAL A 13 8.93 0.51 -1.46
N SER A 14 9.96 0.85 -0.70
CA SER A 14 10.84 1.95 -1.06
C SER A 14 12.09 1.42 -1.76
N PRO A 15 12.71 2.22 -2.63
CA PRO A 15 13.90 1.74 -3.36
C PRO A 15 15.00 1.30 -2.42
N GLY A 16 15.79 0.32 -2.86
CA GLY A 16 16.88 -0.21 -2.05
C GLY A 16 16.44 -1.25 -1.06
N GLU A 17 15.14 -1.31 -0.77
CA GLU A 17 14.60 -2.33 0.13
C GLU A 17 14.50 -3.70 -0.56
N ARG A 18 14.46 -4.74 0.26
CA ARG A 18 14.29 -6.10 -0.26
C ARG A 18 12.79 -6.38 -0.32
N VAL A 19 12.38 -7.19 -1.29
CA VAL A 19 10.97 -7.55 -1.43
C VAL A 19 10.78 -9.02 -1.87
N SER A 20 9.72 -9.63 -1.36
CA SER A 20 9.43 -11.04 -1.64
C SER A 20 8.00 -11.25 -2.13
N PHE A 21 7.86 -12.06 -3.17
CA PHE A 21 6.57 -12.43 -3.72
C PHE A 21 6.30 -13.90 -3.41
N SER A 22 5.08 -14.17 -2.97
CA SER A 22 4.69 -15.47 -2.52
C SER A 22 3.85 -16.18 -3.60
N CYS A 23 4.20 -17.42 -3.91
CA CYS A 23 3.37 -18.23 -4.81
C CYS A 23 3.06 -19.56 -4.15
N ARG A 24 1.80 -19.79 -3.85
CA ARG A 24 1.40 -21.03 -3.20
C ARG A 24 0.56 -21.92 -4.12
N ALA A 25 0.91 -23.20 -4.13
CA ALA A 25 0.24 -24.18 -4.98
C ALA A 25 -0.80 -25.00 -4.22
N SER A 26 -1.87 -25.39 -4.92
CA SER A 26 -2.97 -26.14 -4.31
C SER A 26 -2.62 -27.61 -4.06
N GLN A 27 -1.40 -27.99 -4.40
CA GLN A 27 -1.02 -29.39 -4.47
C GLN A 27 0.48 -29.39 -4.74
N SER A 28 1.23 -30.32 -4.16
CA SER A 28 2.67 -30.30 -4.29
C SER A 28 3.10 -30.35 -5.76
N ILE A 29 4.07 -29.52 -6.12
CA ILE A 29 4.50 -29.43 -7.53
C ILE A 29 6.01 -29.43 -7.66
N GLY A 30 6.70 -29.85 -6.61
CA GLY A 30 8.14 -29.99 -6.63
C GLY A 30 8.84 -28.65 -6.65
N THR A 31 9.71 -28.46 -7.62
CA THR A 31 10.32 -27.15 -7.85
C THR A 31 9.97 -26.71 -9.26
N ASN A 32 8.88 -27.25 -9.78
CA ASN A 32 8.48 -26.94 -11.13
C ASN A 32 7.69 -25.64 -11.19
N ILE A 33 8.36 -24.55 -10.84
CA ILE A 33 7.74 -23.23 -10.87
CA ILE A 33 7.73 -23.24 -10.89
C ILE A 33 8.65 -22.25 -11.63
N HIS A 34 8.03 -21.37 -12.42
CA HIS A 34 8.76 -20.36 -13.18
C HIS A 34 8.17 -18.99 -12.83
N TRP A 35 8.99 -17.95 -12.95
CA TRP A 35 8.51 -16.60 -12.64
C TRP A 35 8.67 -15.66 -13.82
N TYR A 36 7.73 -14.73 -13.96
CA TYR A 36 7.74 -13.74 -15.03
C TYR A 36 7.52 -12.30 -14.55
N GLN A 37 8.08 -11.34 -15.29
CA GLN A 37 7.85 -9.93 -15.01
C GLN A 37 6.97 -9.35 -16.11
N GLN A 38 5.96 -8.54 -15.75
CA GLN A 38 5.26 -7.80 -16.78
C GLN A 38 5.30 -6.29 -16.57
N ARG A 39 6.12 -5.60 -17.37
CA ARG A 39 6.16 -4.15 -17.28
C ARG A 39 5.02 -3.53 -18.09
N THR A 40 4.78 -2.25 -17.88
CA THR A 40 3.72 -1.53 -18.58
C THR A 40 3.88 -1.66 -20.09
N ASN A 41 2.83 -2.14 -20.74
CA ASN A 41 2.81 -2.43 -22.19
C ASN A 41 3.67 -3.57 -22.72
N GLY A 42 4.28 -4.35 -21.83
CA GLY A 42 5.18 -5.40 -22.25
C GLY A 42 4.54 -6.78 -22.35
N SER A 43 5.30 -7.72 -22.90
CA SER A 43 4.93 -9.12 -22.80
C SER A 43 5.72 -9.62 -21.61
N PRO A 44 5.31 -10.76 -21.01
CA PRO A 44 6.07 -11.30 -19.86
C PRO A 44 7.54 -11.56 -20.22
N ARG A 45 8.40 -11.32 -19.24
CA ARG A 45 9.83 -11.57 -19.31
C ARG A 45 10.14 -12.66 -18.25
N LEU A 46 10.74 -13.76 -18.70
CA LEU A 46 11.13 -14.87 -17.82
C LEU A 46 12.26 -14.49 -16.84
N LEU A 47 12.01 -14.59 -15.55
CA LEU A 47 13.01 -14.20 -14.55
C LEU A 47 13.73 -15.39 -13.92
N ILE A 48 12.96 -16.41 -13.57
CA ILE A 48 13.50 -17.57 -12.88
C ILE A 48 12.83 -18.82 -13.41
N LYS A 49 13.59 -19.86 -13.67
CA LYS A 49 13.01 -21.15 -13.98
C LYS A 49 13.28 -22.16 -12.89
N TYR A 50 12.35 -23.08 -12.70
CA TYR A 50 12.51 -24.17 -11.75
C TYR A 50 12.87 -23.67 -10.36
N ALA A 51 12.04 -22.77 -9.85
CA ALA A 51 12.15 -22.23 -8.50
C ALA A 51 13.33 -21.31 -8.23
N SER A 52 14.52 -21.70 -8.67
CA SER A 52 15.74 -21.02 -8.22
C SER A 52 16.79 -20.73 -9.28
N GLU A 53 16.65 -21.32 -10.46
CA GLU A 53 17.69 -21.25 -11.47
C GLU A 53 17.74 -19.93 -12.23
N SER A 54 18.95 -19.45 -12.47
CA SER A 54 19.14 -18.19 -13.14
C SER A 54 18.76 -18.24 -14.61
N ILE A 55 18.39 -17.07 -15.13
CA ILE A 55 18.13 -16.88 -16.54
C ILE A 55 19.12 -15.85 -17.01
N SER A 56 19.69 -16.04 -18.19
CA SER A 56 20.75 -15.15 -18.63
C SER A 56 20.16 -13.81 -19.02
N GLY A 57 20.83 -12.73 -18.63
CA GLY A 57 20.39 -11.38 -18.94
C GLY A 57 19.58 -10.74 -17.82
N ILE A 58 19.20 -11.54 -16.84
CA ILE A 58 18.41 -11.08 -15.70
C ILE A 58 19.35 -10.67 -14.58
N PRO A 59 19.20 -9.43 -14.08
CA PRO A 59 20.01 -8.91 -12.97
C PRO A 59 20.08 -9.88 -11.78
N SER A 60 21.20 -9.90 -11.07
CA SER A 60 21.40 -10.82 -9.97
C SER A 60 20.49 -10.53 -8.77
N ARG A 61 19.85 -9.36 -8.76
CA ARG A 61 19.01 -9.01 -7.63
C ARG A 61 17.75 -9.89 -7.60
N PHE A 62 17.48 -10.54 -8.72
CA PHE A 62 16.35 -11.45 -8.81
C PHE A 62 16.76 -12.87 -8.46
N SER A 63 16.14 -13.44 -7.44
CA SER A 63 16.30 -14.86 -7.10
C SER A 63 14.97 -15.47 -6.63
N GLY A 64 14.90 -16.79 -6.60
CA GLY A 64 13.72 -17.48 -6.12
C GLY A 64 14.04 -18.73 -5.33
N SER A 65 13.14 -19.11 -4.45
CA SER A 65 13.32 -20.32 -3.65
C SER A 65 11.99 -21.02 -3.40
N GLY A 66 12.07 -22.17 -2.74
CA GLY A 66 10.90 -22.95 -2.42
C GLY A 66 10.85 -24.30 -3.12
N SER A 67 9.99 -25.16 -2.59
CA SER A 67 9.63 -26.47 -3.15
C SER A 67 8.37 -26.97 -2.45
N GLY A 68 7.70 -27.94 -3.06
CA GLY A 68 6.43 -28.42 -2.55
C GLY A 68 5.29 -27.52 -2.99
N THR A 69 4.85 -26.62 -2.11
CA THR A 69 3.73 -25.74 -2.44
C THR A 69 3.98 -24.28 -2.11
N ASP A 70 5.07 -23.98 -1.42
CA ASP A 70 5.31 -22.62 -0.95
C ASP A 70 6.57 -22.03 -1.58
N PHE A 71 6.38 -21.04 -2.45
CA PHE A 71 7.46 -20.46 -3.27
C PHE A 71 7.65 -18.96 -3.07
N THR A 72 8.89 -18.52 -3.30
CA THR A 72 9.21 -17.11 -3.12
C THR A 72 10.10 -16.55 -4.24
N LEU A 73 9.69 -15.40 -4.78
CA LEU A 73 10.51 -14.62 -5.69
C LEU A 73 11.06 -13.43 -4.91
N SER A 74 12.35 -13.17 -5.04
CA SER A 74 12.95 -12.11 -4.26
C SER A 74 13.75 -11.11 -5.08
N ILE A 75 13.58 -9.84 -4.75
CA ILE A 75 14.45 -8.78 -5.26
C ILE A 75 15.19 -8.17 -4.08
N ASN A 76 16.51 -8.33 -4.03
CA ASN A 76 17.24 -7.97 -2.82
C ASN A 76 17.40 -6.47 -2.59
N SER A 77 17.34 -5.68 -3.66
CA SER A 77 17.37 -4.24 -3.54
C SER A 77 16.64 -3.64 -4.74
N VAL A 78 15.37 -3.33 -4.53
CA VAL A 78 14.50 -2.91 -5.62
CA VAL A 78 14.48 -2.90 -5.61
C VAL A 78 14.92 -1.58 -6.26
N GLU A 79 14.91 -1.55 -7.59
CA GLU A 79 15.13 -0.32 -8.32
C GLU A 79 13.79 0.12 -8.91
N SER A 80 13.71 1.37 -9.36
CA SER A 80 12.45 1.89 -9.90
C SER A 80 12.05 1.15 -11.17
N GLU A 81 13.04 0.60 -11.86
CA GLU A 81 12.82 -0.18 -13.07
C GLU A 81 12.02 -1.45 -12.74
N ASP A 82 12.01 -1.85 -11.47
CA ASP A 82 11.32 -3.07 -11.08
C ASP A 82 9.81 -2.91 -10.96
N ILE A 83 9.29 -1.70 -11.17
CA ILE A 83 7.84 -1.48 -11.20
C ILE A 83 7.25 -2.37 -12.29
N ALA A 84 6.34 -3.26 -11.89
CA ALA A 84 5.77 -4.26 -12.78
C ALA A 84 4.83 -5.16 -12.02
N ASP A 85 4.18 -6.04 -12.75
CA ASP A 85 3.50 -7.17 -12.15
C ASP A 85 4.37 -8.43 -12.25
N TYR A 86 4.17 -9.36 -11.33
CA TYR A 86 4.99 -10.56 -11.26
C TYR A 86 4.10 -11.78 -11.20
N TYR A 87 4.38 -12.75 -12.09
CA TYR A 87 3.56 -13.96 -12.19
C TYR A 87 4.39 -15.22 -11.93
N CYS A 88 3.78 -16.20 -11.29
CA CYS A 88 4.39 -17.52 -11.20
C CYS A 88 3.66 -18.51 -12.11
N GLN A 89 4.36 -19.56 -12.51
CA GLN A 89 3.82 -20.55 -13.45
C GLN A 89 4.24 -21.93 -12.98
N GLN A 90 3.29 -22.87 -12.92
CA GLN A 90 3.62 -24.25 -12.55
C GLN A 90 3.57 -25.13 -13.78
N ASN A 91 4.44 -26.14 -13.83
CA ASN A 91 4.38 -27.09 -14.91
C ASN A 91 4.69 -28.54 -14.47
N ASN A 92 4.36 -28.83 -13.22
CA ASN A 92 4.50 -30.19 -12.74
C ASN A 92 3.35 -31.01 -13.29
N ASN A 93 2.21 -30.35 -13.51
CA ASN A 93 0.95 -30.96 -13.97
C ASN A 93 0.46 -30.32 -15.25
N TRP A 94 -0.06 -31.13 -16.16
CA TRP A 94 -0.66 -30.61 -17.37
C TRP A 94 -2.11 -30.25 -17.05
N PRO A 95 -2.60 -29.08 -17.53
CA PRO A 95 -1.85 -28.11 -18.35
C PRO A 95 -1.10 -27.14 -17.45
N THR A 96 -0.07 -26.46 -17.99
CA THR A 96 0.64 -25.44 -17.23
C THR A 96 -0.34 -24.34 -16.86
N THR A 97 -0.24 -23.82 -15.64
CA THR A 97 -1.14 -22.77 -15.17
C THR A 97 -0.37 -21.64 -14.48
N PHE A 98 -0.94 -20.43 -14.51
CA PHE A 98 -0.26 -19.26 -13.96
C PHE A 98 -1.05 -18.73 -12.79
N GLY A 99 -0.37 -18.07 -11.86
CA GLY A 99 -1.05 -17.34 -10.81
C GLY A 99 -1.69 -16.06 -11.34
N ALA A 100 -2.27 -15.27 -10.45
CA ALA A 100 -3.02 -14.09 -10.87
C ALA A 100 -2.14 -12.84 -10.88
N GLY A 101 -0.95 -12.94 -10.32
CA GLY A 101 0.00 -11.84 -10.32
C GLY A 101 -0.01 -10.98 -9.07
N THR A 102 1.15 -10.40 -8.75
CA THR A 102 1.29 -9.45 -7.68
C THR A 102 1.83 -8.13 -8.27
N LYS A 103 1.23 -7.02 -7.88
CA LYS A 103 1.66 -5.70 -8.34
C LYS A 103 2.74 -5.14 -7.41
N LEU A 104 3.84 -4.69 -7.99
CA LEU A 104 4.88 -4.02 -7.22
C LEU A 104 4.87 -2.50 -7.46
N GLU A 105 4.56 -1.73 -6.43
CA GLU A 105 4.57 -0.28 -6.51
C GLU A 105 5.72 0.29 -5.70
N LEU A 106 6.29 1.38 -6.18
CA LEU A 106 7.38 2.03 -5.47
C LEU A 106 6.97 3.31 -4.77
N LYS A 107 7.39 3.42 -3.51
CA LYS A 107 7.24 4.67 -2.79
C LYS A 107 8.34 5.63 -3.23
N ARG A 108 8.06 6.91 -3.11
CA ARG A 108 9.07 7.93 -3.28
C ARG A 108 8.63 9.15 -2.50
N THR A 109 9.42 10.20 -2.56
CA THR A 109 9.07 11.43 -1.88
C THR A 109 7.91 12.10 -2.60
N VAL A 110 7.15 12.90 -1.85
CA VAL A 110 6.07 13.70 -2.43
C VAL A 110 6.59 14.66 -3.51
N ALA A 111 5.86 14.73 -4.62
CA ALA A 111 6.21 15.61 -5.72
C ALA A 111 4.92 16.25 -6.20
N ALA A 112 4.85 17.57 -6.16
CA ALA A 112 3.66 18.27 -6.59
C ALA A 112 3.59 18.19 -8.12
N PRO A 113 2.37 18.13 -8.68
CA PRO A 113 2.23 18.15 -10.14
C PRO A 113 2.56 19.51 -10.75
N SER A 114 3.01 19.50 -11.99
CA SER A 114 2.98 20.67 -12.83
C SER A 114 1.65 20.61 -13.58
N VAL A 115 0.92 21.71 -13.59
CA VAL A 115 -0.38 21.73 -14.22
C VAL A 115 -0.35 22.57 -15.48
N PHE A 116 -0.91 22.03 -16.56
CA PHE A 116 -1.03 22.79 -17.80
C PHE A 116 -2.45 22.62 -18.30
N ILE A 117 -3.02 23.68 -18.88
CA ILE A 117 -4.36 23.59 -19.45
C ILE A 117 -4.39 23.87 -20.95
N PHE A 118 -5.12 23.07 -21.69
CA PHE A 118 -5.18 23.18 -23.14
C PHE A 118 -6.60 23.42 -23.62
N PRO A 119 -6.88 24.59 -24.19
CA PRO A 119 -8.15 24.90 -24.87
C PRO A 119 -8.41 23.89 -25.98
N PRO A 120 -9.67 23.81 -26.45
CA PRO A 120 -9.97 23.04 -27.66
C PRO A 120 -9.25 23.62 -28.86
N SER A 121 -8.83 22.77 -29.79
CA SER A 121 -8.26 23.27 -31.04
C SER A 121 -9.37 23.78 -31.94
N ASP A 122 -9.04 24.76 -32.78
CA ASP A 122 -9.98 25.22 -33.80
C ASP A 122 -10.35 24.06 -34.71
N GLU A 123 -9.39 23.14 -34.87
CA GLU A 123 -9.58 21.92 -35.63
C GLU A 123 -10.72 21.10 -35.04
N GLN A 124 -10.65 20.83 -33.74
CA GLN A 124 -11.72 20.06 -33.11
C GLN A 124 -13.06 20.79 -33.15
N LEU A 125 -13.03 22.09 -32.93
CA LEU A 125 -14.25 22.89 -32.91
C LEU A 125 -15.09 22.74 -34.20
N LYS A 126 -14.41 22.53 -35.34
CA LYS A 126 -15.10 22.30 -36.61
C LYS A 126 -15.99 21.06 -36.63
N SER A 127 -15.87 20.19 -35.63
CA SER A 127 -16.66 18.95 -35.60
C SER A 127 -17.89 19.05 -34.70
N GLY A 128 -18.00 20.14 -33.95
CA GLY A 128 -19.15 20.34 -33.08
C GLY A 128 -18.94 19.74 -31.71
N THR A 129 -17.67 19.59 -31.35
CA THR A 129 -17.29 19.09 -30.04
C THR A 129 -16.08 19.86 -29.51
N ALA A 130 -16.07 20.10 -28.20
CA ALA A 130 -14.93 20.76 -27.57
C ALA A 130 -14.36 19.91 -26.44
N SER A 131 -13.08 19.57 -26.54
CA SER A 131 -12.40 18.91 -25.43
C SER A 131 -11.49 19.92 -24.78
N VAL A 132 -11.58 20.04 -23.46
CA VAL A 132 -10.65 20.89 -22.73
C VAL A 132 -9.81 19.97 -21.86
N VAL A 133 -8.50 19.98 -22.08
CA VAL A 133 -7.63 19.04 -21.37
C VAL A 133 -6.85 19.76 -20.29
N CYS A 134 -6.80 19.15 -19.13
CA CYS A 134 -6.00 19.64 -18.02
C CYS A 134 -4.99 18.55 -17.64
N LEU A 135 -3.71 18.89 -17.67
CA LEU A 135 -2.66 17.91 -17.45
C LEU A 135 -2.01 18.11 -16.09
N LEU A 136 -1.84 17.03 -15.34
CA LEU A 136 -1.09 17.06 -14.09
C LEU A 136 0.14 16.19 -14.29
N ASN A 137 1.30 16.82 -14.29
CA ASN A 137 2.51 16.13 -14.73
C ASN A 137 3.46 15.76 -13.60
N ASN A 138 3.89 14.48 -13.60
CA ASN A 138 4.98 14.02 -12.75
C ASN A 138 4.83 14.29 -11.26
N PHE A 139 3.83 13.67 -10.64
CA PHE A 139 3.55 13.92 -9.22
C PHE A 139 3.52 12.61 -8.44
N TYR A 140 3.53 12.75 -7.11
CA TYR A 140 3.46 11.60 -6.20
C TYR A 140 2.93 12.08 -4.86
N PRO A 141 1.95 11.38 -4.30
CA PRO A 141 1.44 10.07 -4.74
C PRO A 141 0.28 10.23 -5.72
N ARG A 142 -0.30 9.10 -6.11
CA ARG A 142 -1.34 9.05 -7.14
C ARG A 142 -2.57 9.92 -6.86
N GLU A 143 -2.94 10.08 -5.60
CA GLU A 143 -4.15 10.82 -5.27
C GLU A 143 -4.08 12.31 -5.65
N ALA A 144 -5.06 12.74 -6.44
CA ALA A 144 -5.20 14.13 -6.85
C ALA A 144 -6.67 14.47 -7.13
N LYS A 145 -7.04 15.73 -6.95
CA LYS A 145 -8.39 16.20 -7.24
C LYS A 145 -8.31 17.23 -8.35
N VAL A 146 -9.11 17.02 -9.40
CA VAL A 146 -9.30 18.02 -10.44
C VAL A 146 -10.75 18.49 -10.40
N GLN A 147 -10.94 19.77 -10.12
CA GLN A 147 -12.27 20.37 -10.14
C GLN A 147 -12.41 21.36 -11.31
N TRP A 148 -13.46 21.18 -12.09
CA TRP A 148 -13.70 22.02 -13.27
C TRP A 148 -14.71 23.11 -13.01
N LYS A 149 -14.36 24.33 -13.41
CA LYS A 149 -15.28 25.44 -13.34
C LYS A 149 -15.38 26.17 -14.68
N VAL A 150 -16.61 26.40 -15.12
CA VAL A 150 -16.88 27.18 -16.31
C VAL A 150 -17.79 28.34 -15.88
N ASP A 151 -17.27 29.56 -15.95
CA ASP A 151 -18.00 30.73 -15.47
C ASP A 151 -18.46 30.50 -14.03
N ASN A 152 -17.53 30.10 -13.17
CA ASN A 152 -17.83 29.77 -11.78
C ASN A 152 -18.87 28.70 -11.52
N ALA A 153 -19.39 28.07 -12.57
CA ALA A 153 -20.24 26.92 -12.39
C ALA A 153 -19.40 25.64 -12.28
N LEU A 154 -19.54 24.97 -11.14
CA LEU A 154 -18.91 23.69 -10.92
C LEU A 154 -19.38 22.70 -11.98
N GLN A 155 -18.44 22.07 -12.68
CA GLN A 155 -18.78 21.06 -13.67
C GLN A 155 -18.77 19.70 -13.02
N SER A 156 -19.79 18.89 -13.33
CA SER A 156 -19.85 17.55 -12.79
C SER A 156 -20.41 16.56 -13.80
N GLY A 157 -19.78 15.39 -13.83
CA GLY A 157 -20.22 14.31 -14.69
C GLY A 157 -19.76 14.42 -16.14
N ASN A 158 -19.17 15.56 -16.52
CA ASN A 158 -18.77 15.78 -17.90
C ASN A 158 -17.26 15.81 -18.12
N SER A 159 -16.50 15.18 -17.24
CA SER A 159 -15.07 15.06 -17.43
C SER A 159 -14.62 13.61 -17.21
N GLN A 160 -13.55 13.21 -17.87
CA GLN A 160 -12.97 11.90 -17.63
C GLN A 160 -11.48 12.03 -17.30
N GLU A 161 -11.04 11.19 -16.37
CA GLU A 161 -9.66 11.19 -15.94
C GLU A 161 -8.93 9.96 -16.42
N SER A 162 -7.63 10.09 -16.62
CA SER A 162 -6.78 8.98 -16.96
C SER A 162 -5.42 9.19 -16.31
N VAL A 163 -4.89 8.13 -15.70
CA VAL A 163 -3.64 8.19 -14.97
C VAL A 163 -2.66 7.19 -15.57
N THR A 164 -1.46 7.66 -15.90
CA THR A 164 -0.44 6.74 -16.38
C THR A 164 -0.09 5.77 -15.27
N GLU A 165 0.52 4.65 -15.65
CA GLU A 165 1.13 3.77 -14.67
C GLU A 165 2.36 4.47 -14.14
N GLN A 166 2.94 3.94 -13.08
CA GLN A 166 4.11 4.56 -12.48
C GLN A 166 5.28 4.58 -13.44
N ASP A 167 6.00 5.70 -13.44
CA ASP A 167 7.11 5.90 -14.35
C ASP A 167 8.31 5.09 -13.86
N SER A 168 8.99 4.42 -14.77
CA SER A 168 10.08 3.53 -14.37
C SER A 168 11.35 4.27 -13.99
N LYS A 169 11.42 5.56 -14.30
CA LYS A 169 12.63 6.32 -13.98
C LYS A 169 12.48 7.12 -12.69
N ASP A 170 11.46 7.96 -12.59
CA ASP A 170 11.29 8.81 -11.40
C ASP A 170 10.15 8.38 -10.46
N SER A 171 9.47 7.28 -10.80
CA SER A 171 8.38 6.76 -9.96
C SER A 171 7.17 7.67 -9.76
N THR A 172 6.96 8.64 -10.68
CA THR A 172 5.81 9.53 -10.53
C THR A 172 4.64 9.11 -11.42
N TYR A 173 3.53 9.83 -11.28
CA TYR A 173 2.38 9.60 -12.09
C TYR A 173 2.09 10.86 -12.84
N SER A 174 1.37 10.73 -13.94
CA SER A 174 0.81 11.87 -14.62
C SER A 174 -0.66 11.62 -14.85
N LEU A 175 -1.44 12.69 -14.91
CA LEU A 175 -2.89 12.60 -14.96
C LEU A 175 -3.45 13.56 -15.97
N SER A 176 -4.41 13.08 -16.75
CA SER A 176 -5.09 13.95 -17.67
C SER A 176 -6.56 13.98 -17.26
N SER A 177 -7.09 15.18 -17.13
CA SER A 177 -8.52 15.37 -16.97
C SER A 177 -9.06 16.07 -18.22
N THR A 178 -10.02 15.45 -18.88
CA THR A 178 -10.59 15.98 -20.13
C THR A 178 -12.07 16.37 -19.95
N LEU A 179 -12.35 17.66 -20.08
CA LEU A 179 -13.71 18.17 -19.99
C LEU A 179 -14.32 18.25 -21.38
N THR A 180 -15.47 17.63 -21.57
CA THR A 180 -16.11 17.57 -22.90
C THR A 180 -17.47 18.28 -22.98
N LEU A 181 -17.58 19.21 -23.93
CA LEU A 181 -18.78 20.02 -24.14
C LEU A 181 -19.14 20.02 -25.61
N SER A 182 -20.41 20.30 -25.90
CA SER A 182 -20.83 20.55 -27.27
C SER A 182 -20.17 21.84 -27.73
N LYS A 183 -20.04 22.04 -29.03
CA LYS A 183 -19.47 23.29 -29.50
C LYS A 183 -20.37 24.44 -29.08
N ALA A 184 -21.68 24.21 -29.14
CA ALA A 184 -22.66 25.26 -28.82
C ALA A 184 -22.47 25.74 -27.39
N ASP A 185 -22.44 24.78 -26.45
CA ASP A 185 -22.20 25.05 -25.03
C ASP A 185 -20.88 25.78 -24.82
N TYR A 186 -19.82 25.27 -25.44
CA TYR A 186 -18.50 25.86 -25.30
C TYR A 186 -18.55 27.31 -25.71
N GLU A 187 -19.21 27.58 -26.83
CA GLU A 187 -19.28 28.96 -27.32
C GLU A 187 -20.06 29.91 -26.41
N LYS A 188 -21.04 29.39 -25.68
CA LYS A 188 -21.86 30.22 -24.79
C LYS A 188 -21.17 30.65 -23.48
N HIS A 189 -19.90 30.31 -23.30
CA HIS A 189 -19.22 30.60 -22.03
C HIS A 189 -17.84 31.19 -22.23
N LYS A 190 -17.25 31.73 -21.18
CA LYS A 190 -15.95 32.38 -21.34
C LYS A 190 -14.78 31.80 -20.54
N VAL A 191 -14.96 31.63 -19.24
CA VAL A 191 -13.83 31.31 -18.36
C VAL A 191 -13.80 29.82 -18.00
N TYR A 192 -12.77 29.14 -18.46
CA TYR A 192 -12.58 27.70 -18.24
C TYR A 192 -11.43 27.46 -17.29
N ALA A 193 -11.74 26.91 -16.12
CA ALA A 193 -10.71 26.71 -15.11
C ALA A 193 -10.72 25.29 -14.56
N CYS A 194 -9.54 24.69 -14.52
CA CYS A 194 -9.41 23.46 -13.80
C CYS A 194 -8.59 23.78 -12.57
N GLU A 195 -9.03 23.22 -11.45
CA GLU A 195 -8.40 23.44 -10.16
C GLU A 195 -7.84 22.12 -9.65
N VAL A 196 -6.59 22.17 -9.20
CA VAL A 196 -5.90 20.96 -8.84
C VAL A 196 -5.51 20.97 -7.36
N THR A 197 -5.80 19.87 -6.70
CA THR A 197 -5.46 19.70 -5.31
C THR A 197 -4.56 18.49 -5.17
N HIS A 198 -3.47 18.65 -4.42
CA HIS A 198 -2.55 17.54 -4.23
C HIS A 198 -1.79 17.74 -2.94
N GLN A 199 -1.39 16.64 -2.33
CA GLN A 199 -0.61 16.66 -1.09
C GLN A 199 0.64 17.55 -1.15
N GLY A 200 1.29 17.63 -2.32
CA GLY A 200 2.48 18.43 -2.49
C GLY A 200 2.25 19.91 -2.73
N LEU A 201 0.99 20.30 -2.90
CA LEU A 201 0.66 21.70 -3.05
C LEU A 201 0.23 22.29 -1.72
N SER A 202 0.72 23.48 -1.41
CA SER A 202 0.37 24.07 -0.14
C SER A 202 -1.01 24.75 -0.24
N SER A 203 -1.48 24.97 -1.46
CA SER A 203 -2.85 25.39 -1.70
C SER A 203 -3.21 25.02 -3.14
N PRO A 204 -4.51 24.92 -3.48
CA PRO A 204 -4.88 24.45 -4.82
C PRO A 204 -4.30 25.35 -5.93
N VAL A 205 -3.92 24.74 -7.03
CA VAL A 205 -3.39 25.47 -8.17
C VAL A 205 -4.46 25.53 -9.24
N THR A 206 -4.69 26.71 -9.79
CA THR A 206 -5.71 26.88 -10.79
C THR A 206 -5.06 27.30 -12.11
N LYS A 207 -5.40 26.61 -13.18
CA LYS A 207 -4.98 26.97 -14.50
C LYS A 207 -6.22 27.27 -15.31
N SER A 208 -6.23 28.34 -16.07
CA SER A 208 -7.45 28.74 -16.75
C SER A 208 -7.20 29.62 -17.95
N PHE A 209 -8.25 29.79 -18.75
CA PHE A 209 -8.14 30.66 -19.90
C PHE A 209 -9.49 31.27 -20.21
N ASN A 210 -9.47 32.36 -20.96
CA ASN A 210 -10.69 32.90 -21.53
C ASN A 210 -10.74 32.49 -22.99
N ARG A 211 -11.86 31.91 -23.41
CA ARG A 211 -12.03 31.51 -24.79
C ARG A 211 -11.76 32.69 -25.76
N GLY A 212 -10.66 32.59 -26.53
CA GLY A 212 -10.29 33.64 -27.46
C GLY A 212 -9.75 34.90 -26.80
N GLN B 1 19.40 -13.33 -33.46
CA GLN B 1 18.49 -12.94 -32.39
C GLN B 1 17.15 -13.70 -32.52
N VAL B 2 16.73 -14.38 -31.46
CA VAL B 2 15.41 -15.02 -31.47
C VAL B 2 14.28 -14.00 -31.33
N GLN B 3 13.34 -14.03 -32.27
CA GLN B 3 12.19 -13.13 -32.25
C GLN B 3 10.89 -13.85 -32.67
N LEU B 4 9.76 -13.34 -32.19
CA LEU B 4 8.46 -13.77 -32.68
C LEU B 4 7.63 -12.51 -32.94
N LYS B 5 7.07 -12.38 -34.14
CA LYS B 5 6.27 -11.22 -34.48
C LYS B 5 4.89 -11.67 -34.88
N GLN B 6 3.89 -11.11 -34.21
CA GLN B 6 2.53 -11.53 -34.43
C GLN B 6 1.85 -10.54 -35.36
N SER B 7 0.80 -10.99 -36.05
CA SER B 7 -0.01 -10.07 -36.83
C SER B 7 -0.77 -9.10 -35.92
N GLY B 8 -1.13 -7.94 -36.48
CA GLY B 8 -1.73 -6.86 -35.71
C GLY B 8 -3.10 -7.06 -35.07
N PRO B 9 -3.44 -6.15 -34.16
CA PRO B 9 -4.63 -6.29 -33.31
C PRO B 9 -5.88 -5.95 -34.09
N GLY B 10 -7.03 -6.36 -33.57
CA GLY B 10 -8.26 -6.05 -34.26
C GLY B 10 -9.51 -6.64 -33.67
N LEU B 11 -10.60 -6.35 -34.37
CA LEU B 11 -11.94 -6.68 -33.94
C LEU B 11 -12.34 -8.05 -34.48
N VAL B 12 -13.08 -8.80 -33.68
CA VAL B 12 -13.73 -10.02 -34.14
C VAL B 12 -15.19 -9.95 -33.70
N GLN B 13 -16.11 -10.11 -34.64
CA GLN B 13 -17.53 -10.11 -34.31
C GLN B 13 -17.86 -11.31 -33.44
N PRO B 14 -18.87 -11.19 -32.58
CA PRO B 14 -19.34 -12.34 -31.81
C PRO B 14 -19.65 -13.53 -32.71
N SER B 15 -19.35 -14.73 -32.19
CA SER B 15 -19.51 -15.99 -32.91
C SER B 15 -18.62 -16.17 -34.15
N GLN B 16 -17.60 -15.33 -34.29
CA GLN B 16 -16.66 -15.42 -35.41
C GLN B 16 -15.32 -15.99 -35.01
N SER B 17 -14.43 -16.17 -35.99
CA SER B 17 -13.15 -16.83 -35.75
C SER B 17 -11.96 -15.88 -35.67
N LEU B 18 -10.99 -16.25 -34.83
CA LEU B 18 -9.77 -15.48 -34.66
C LEU B 18 -8.66 -16.12 -35.48
N SER B 19 -7.92 -15.32 -36.24
CA SER B 19 -6.75 -15.81 -36.94
C SER B 19 -5.56 -14.91 -36.62
N ILE B 20 -4.51 -15.51 -36.05
CA ILE B 20 -3.28 -14.79 -35.77
C ILE B 20 -2.09 -15.54 -36.33
N THR B 21 -1.18 -14.81 -36.96
CA THR B 21 0.03 -15.41 -37.51
C THR B 21 1.22 -15.00 -36.67
N CYS B 22 2.04 -15.99 -36.33
CA CYS B 22 3.29 -15.77 -35.60
C CYS B 22 4.43 -16.05 -36.57
N THR B 23 5.26 -15.05 -36.81
CA THR B 23 6.42 -15.24 -37.69
C THR B 23 7.69 -15.21 -36.84
N VAL B 24 8.39 -16.33 -36.82
CA VAL B 24 9.54 -16.46 -35.96
C VAL B 24 10.81 -16.31 -36.77
N SER B 25 11.87 -15.87 -36.10
CA SER B 25 13.20 -15.80 -36.71
C SER B 25 14.24 -15.94 -35.61
N GLY B 26 15.45 -16.35 -35.99
CA GLY B 26 16.50 -16.65 -35.02
C GLY B 26 16.49 -18.12 -34.61
N PHE B 27 15.55 -18.89 -35.15
CA PHE B 27 15.49 -20.33 -34.92
C PHE B 27 14.56 -20.99 -35.94
N SER B 28 14.50 -22.30 -35.90
CA SER B 28 13.74 -23.05 -36.89
C SER B 28 12.58 -23.79 -36.22
N LEU B 29 11.42 -23.74 -36.85
CA LEU B 29 10.23 -24.39 -36.31
C LEU B 29 10.38 -25.90 -36.34
N THR B 30 11.39 -26.38 -37.06
CA THR B 30 11.66 -27.81 -37.09
C THR B 30 12.36 -28.26 -35.81
N ASN B 31 12.99 -27.32 -35.11
CA ASN B 31 13.67 -27.61 -33.83
C ASN B 31 12.94 -27.13 -32.58
N TYR B 32 11.91 -26.31 -32.74
CA TYR B 32 11.20 -25.82 -31.56
C TYR B 32 9.69 -25.84 -31.67
N GLY B 33 9.05 -26.05 -30.53
CA GLY B 33 7.61 -25.91 -30.43
C GLY B 33 7.25 -24.46 -30.21
N VAL B 34 6.07 -24.08 -30.68
CA VAL B 34 5.58 -22.71 -30.47
C VAL B 34 4.28 -22.75 -29.70
N HIS B 35 4.24 -22.03 -28.58
CA HIS B 35 3.10 -22.07 -27.67
C HIS B 35 2.20 -20.86 -27.84
N TRP B 36 0.94 -21.00 -27.45
CA TRP B 36 0.02 -19.88 -27.42
C TRP B 36 -0.57 -19.70 -26.02
N VAL B 37 -0.48 -18.46 -25.54
CA VAL B 37 -0.95 -18.06 -24.22
C VAL B 37 -1.74 -16.79 -24.43
N ARG B 38 -2.85 -16.63 -23.72
CA ARG B 38 -3.56 -15.37 -23.78
C ARG B 38 -3.65 -14.74 -22.41
N GLN B 39 -4.05 -13.47 -22.40
CA GLN B 39 -4.19 -12.73 -21.15
C GLN B 39 -5.51 -12.00 -21.17
N SER B 40 -6.46 -12.46 -20.36
CA SER B 40 -7.81 -11.89 -20.37
C SER B 40 -8.07 -11.13 -19.08
N PRO B 41 -9.02 -10.19 -19.10
CA PRO B 41 -9.37 -9.41 -17.91
C PRO B 41 -9.78 -10.28 -16.72
N GLY B 42 -10.57 -11.33 -16.98
CA GLY B 42 -11.08 -12.17 -15.92
C GLY B 42 -10.12 -13.27 -15.53
N LYS B 43 -9.84 -14.18 -16.45
CA LYS B 43 -8.98 -15.34 -16.17
C LYS B 43 -7.48 -15.07 -16.04
N GLY B 44 -7.00 -13.94 -16.56
CA GLY B 44 -5.58 -13.65 -16.52
C GLY B 44 -4.83 -14.49 -17.55
N LEU B 45 -3.61 -14.92 -17.21
CA LEU B 45 -2.80 -15.74 -18.11
C LEU B 45 -3.29 -17.19 -18.18
N GLU B 46 -3.39 -17.69 -19.39
CA GLU B 46 -4.05 -18.94 -19.65
C GLU B 46 -3.34 -19.55 -20.84
N TRP B 47 -2.77 -20.74 -20.66
CA TRP B 47 -2.11 -21.43 -21.76
C TRP B 47 -3.17 -22.06 -22.64
N LEU B 48 -3.06 -21.87 -23.95
CA LEU B 48 -4.06 -22.39 -24.88
C LEU B 48 -3.62 -23.68 -25.61
N GLY B 49 -2.36 -23.75 -26.01
CA GLY B 49 -1.85 -24.92 -26.71
C GLY B 49 -0.48 -24.70 -27.32
N VAL B 50 -0.05 -25.65 -28.14
CA VAL B 50 1.31 -25.68 -28.65
C VAL B 50 1.34 -26.49 -29.94
N ILE B 51 2.11 -26.05 -30.92
CA ILE B 51 2.43 -26.91 -32.05
C ILE B 51 3.89 -27.29 -31.94
N TRP B 52 4.15 -28.60 -31.94
CA TRP B 52 5.49 -29.13 -31.72
C TRP B 52 6.31 -29.18 -32.98
N SER B 53 7.62 -29.33 -32.81
CA SER B 53 8.56 -29.44 -33.93
C SER B 53 8.07 -30.33 -35.06
N GLY B 54 7.61 -31.53 -34.70
CA GLY B 54 7.17 -32.51 -35.68
C GLY B 54 5.76 -32.30 -36.16
N GLY B 55 5.11 -31.23 -35.70
CA GLY B 55 3.77 -30.90 -36.17
C GLY B 55 2.59 -31.34 -35.31
N ASN B 56 2.86 -32.13 -34.28
CA ASN B 56 1.82 -32.53 -33.33
C ASN B 56 1.31 -31.34 -32.55
N THR B 57 0.04 -31.36 -32.16
CA THR B 57 -0.50 -30.30 -31.32
C THR B 57 -1.16 -30.81 -30.05
N ASP B 58 -1.07 -30.03 -28.98
CA ASP B 58 -1.88 -30.23 -27.80
C ASP B 58 -2.69 -28.96 -27.60
N TYR B 59 -3.93 -29.12 -27.15
CA TYR B 59 -4.75 -27.96 -26.77
C TYR B 59 -5.18 -28.08 -25.33
N ASN B 60 -5.09 -26.98 -24.59
CA ASN B 60 -5.65 -26.95 -23.24
C ASN B 60 -7.10 -27.43 -23.32
N THR B 61 -7.57 -28.12 -22.28
CA THR B 61 -8.86 -28.81 -22.34
C THR B 61 -10.08 -28.03 -22.89
N PRO B 62 -10.34 -26.81 -22.35
CA PRO B 62 -11.54 -26.13 -22.83
C PRO B 62 -11.48 -25.56 -24.24
N PHE B 63 -10.39 -25.80 -24.99
CA PHE B 63 -10.28 -25.26 -26.35
C PHE B 63 -10.05 -26.39 -27.36
N THR B 64 -10.08 -27.62 -26.87
CA THR B 64 -10.08 -28.83 -27.70
C THR B 64 -10.86 -28.69 -29.01
N SER B 65 -12.10 -28.21 -28.89
CA SER B 65 -13.03 -28.26 -30.00
C SER B 65 -13.19 -26.95 -30.76
N ARG B 66 -12.37 -25.96 -30.46
CA ARG B 66 -12.46 -24.74 -31.23
C ARG B 66 -11.13 -24.11 -31.54
N LEU B 67 -10.05 -24.82 -31.21
CA LEU B 67 -8.72 -24.31 -31.49
C LEU B 67 -8.03 -25.17 -32.52
N SER B 68 -7.41 -24.54 -33.51
CA SER B 68 -6.56 -25.26 -34.43
C SER B 68 -5.26 -24.49 -34.58
N ILE B 69 -4.14 -25.19 -34.52
CA ILE B 69 -2.85 -24.56 -34.76
C ILE B 69 -2.11 -25.25 -35.91
N ASN B 70 -1.55 -24.47 -36.83
CA ASN B 70 -0.75 -25.01 -37.93
C ASN B 70 0.48 -24.16 -38.14
N LYS B 71 1.33 -24.60 -39.06
CA LYS B 71 2.53 -23.87 -39.34
C LYS B 71 3.05 -24.19 -40.72
N ASP B 72 3.99 -23.37 -41.17
CA ASP B 72 4.68 -23.57 -42.42
C ASP B 72 6.14 -23.39 -42.06
N ASN B 73 6.82 -24.50 -41.79
CA ASN B 73 8.23 -24.49 -41.39
C ASN B 73 9.12 -23.62 -42.28
N SER B 74 8.92 -23.76 -43.59
CA SER B 74 9.74 -23.02 -44.57
C SER B 74 9.54 -21.52 -44.47
N LYS B 75 8.34 -21.09 -44.17
CA LYS B 75 8.06 -19.69 -44.05
C LYS B 75 8.25 -19.17 -42.65
N SER B 76 8.61 -20.07 -41.76
CA SER B 76 8.78 -19.77 -40.35
C SER B 76 7.52 -19.17 -39.73
N GLN B 77 6.37 -19.63 -40.18
CA GLN B 77 5.10 -19.07 -39.71
C GLN B 77 4.29 -20.10 -38.95
N VAL B 78 3.69 -19.66 -37.85
CA VAL B 78 2.78 -20.48 -37.08
C VAL B 78 1.40 -19.84 -37.09
N PHE B 79 0.36 -20.61 -37.46
CA PHE B 79 -0.98 -20.06 -37.55
C PHE B 79 -1.91 -20.54 -36.46
N PHE B 80 -2.55 -19.58 -35.79
CA PHE B 80 -3.45 -19.85 -34.69
C PHE B 80 -4.85 -19.47 -35.16
N LYS B 81 -5.79 -20.40 -35.03
CA LYS B 81 -7.18 -20.13 -35.34
C LYS B 81 -8.07 -20.63 -34.20
N MET B 82 -9.04 -19.81 -33.83
CA MET B 82 -9.98 -20.19 -32.79
C MET B 82 -11.38 -19.78 -33.19
N ASN B 83 -12.30 -20.75 -33.22
CA ASN B 83 -13.65 -20.54 -33.71
C ASN B 83 -14.62 -19.98 -32.68
N SER B 84 -15.71 -19.42 -33.20
CA SER B 84 -16.82 -18.88 -32.42
C SER B 84 -16.45 -18.12 -31.15
N LEU B 85 -15.96 -16.90 -31.30
CA LEU B 85 -15.55 -16.09 -30.16
C LEU B 85 -16.74 -15.43 -29.46
N GLN B 86 -16.59 -15.20 -28.16
CA GLN B 86 -17.60 -14.47 -27.42
C GLN B 86 -16.90 -13.34 -26.70
N SER B 87 -17.67 -12.48 -26.04
CA SER B 87 -17.08 -11.35 -25.37
C SER B 87 -15.93 -11.70 -24.44
N ASN B 88 -16.06 -12.76 -23.66
CA ASN B 88 -14.97 -13.08 -22.74
C ASN B 88 -13.75 -13.69 -23.42
N ASP B 89 -13.74 -13.75 -24.75
CA ASP B 89 -12.55 -14.15 -25.47
C ASP B 89 -11.72 -12.93 -25.85
N THR B 90 -12.21 -11.76 -25.44
CA THR B 90 -11.43 -10.55 -25.56
C THR B 90 -10.21 -10.71 -24.69
N ALA B 91 -9.03 -10.64 -25.32
CA ALA B 91 -7.78 -10.83 -24.60
C ALA B 91 -6.60 -10.38 -25.45
N ILE B 92 -5.43 -10.33 -24.82
CA ILE B 92 -4.20 -10.25 -25.56
C ILE B 92 -3.69 -11.66 -25.78
N TYR B 93 -3.53 -12.03 -27.04
CA TYR B 93 -3.02 -13.33 -27.42
C TYR B 93 -1.53 -13.25 -27.70
N TYR B 94 -0.79 -14.28 -27.27
CA TYR B 94 0.65 -14.31 -27.46
C TYR B 94 1.10 -15.61 -28.06
N CYS B 95 2.22 -15.57 -28.78
CA CYS B 95 2.94 -16.80 -29.10
C CYS B 95 4.26 -16.80 -28.31
N ALA B 96 4.71 -17.97 -27.93
CA ALA B 96 5.89 -18.05 -27.10
C ALA B 96 6.77 -19.21 -27.48
N ARG B 97 8.05 -19.12 -27.12
CA ARG B 97 8.98 -20.21 -27.30
C ARG B 97 9.66 -20.51 -25.99
N ALA B 98 9.90 -21.78 -25.72
CA ALA B 98 10.54 -22.19 -24.48
C ALA B 98 12.06 -22.16 -24.62
N LEU B 99 12.77 -22.34 -23.52
CA LEU B 99 14.23 -22.48 -23.54
C LEU B 99 14.70 -23.73 -24.31
N THR B 100 14.07 -24.87 -24.05
CA THR B 100 14.42 -26.11 -24.75
C THR B 100 13.24 -26.58 -25.58
N TYR B 101 13.50 -27.51 -26.49
CA TYR B 101 12.48 -27.94 -27.44
C TYR B 101 11.22 -28.58 -26.82
N TYR B 102 11.36 -29.17 -25.64
CA TYR B 102 10.24 -29.95 -25.06
C TYR B 102 9.57 -29.26 -23.87
N ASP B 103 10.11 -28.12 -23.46
CA ASP B 103 9.80 -27.55 -22.14
C ASP B 103 8.77 -26.40 -22.22
N TYR B 104 8.49 -25.78 -21.08
CA TYR B 104 7.39 -24.85 -20.97
C TYR B 104 7.78 -23.55 -20.29
N GLU B 105 9.06 -23.37 -20.00
CA GLU B 105 9.50 -22.10 -19.47
C GLU B 105 9.68 -21.13 -20.64
N PHE B 106 8.80 -20.12 -20.71
CA PHE B 106 8.73 -19.27 -21.89
C PHE B 106 9.65 -18.06 -21.87
N ALA B 107 10.78 -18.20 -22.55
CA ALA B 107 11.79 -17.16 -22.56
C ALA B 107 11.63 -16.19 -23.73
N TYR B 108 10.79 -16.53 -24.69
CA TYR B 108 10.61 -15.68 -25.85
C TYR B 108 9.13 -15.50 -26.15
N TRP B 109 8.70 -14.25 -26.22
CA TRP B 109 7.29 -13.93 -26.44
C TRP B 109 7.08 -13.05 -27.65
N GLY B 110 5.98 -13.29 -28.37
CA GLY B 110 5.51 -12.34 -29.34
C GLY B 110 5.13 -11.04 -28.63
N GLN B 111 4.90 -9.98 -29.39
CA GLN B 111 4.57 -8.70 -28.79
C GLN B 111 3.11 -8.68 -28.30
N GLY B 112 2.37 -9.72 -28.66
CA GLY B 112 0.97 -9.84 -28.27
C GLY B 112 0.04 -9.24 -29.32
N THR B 113 -1.20 -9.72 -29.36
CA THR B 113 -2.20 -9.24 -30.30
C THR B 113 -3.52 -9.02 -29.56
N LEU B 114 -3.84 -7.75 -29.29
CA LEU B 114 -5.07 -7.43 -28.58
C LEU B 114 -6.28 -7.67 -29.46
N VAL B 115 -7.08 -8.65 -29.08
CA VAL B 115 -8.27 -8.96 -29.83
C VAL B 115 -9.47 -8.55 -29.03
N THR B 116 -10.38 -7.82 -29.69
CA THR B 116 -11.62 -7.37 -29.05
C THR B 116 -12.81 -8.09 -29.71
N VAL B 117 -13.61 -8.76 -28.90
CA VAL B 117 -14.82 -9.37 -29.42
C VAL B 117 -15.98 -8.41 -29.17
N SER B 118 -16.52 -7.86 -30.24
CA SER B 118 -17.56 -6.85 -30.12
C SER B 118 -18.37 -6.81 -31.38
N ALA B 119 -19.65 -6.49 -31.23
CA ALA B 119 -20.53 -6.38 -32.38
C ALA B 119 -20.32 -5.07 -33.16
N ALA B 120 -19.60 -4.12 -32.57
CA ALA B 120 -19.43 -2.81 -33.21
C ALA B 120 -18.58 -2.84 -34.48
N SER B 121 -18.23 -1.67 -34.97
CA SER B 121 -17.39 -1.61 -36.16
C SER B 121 -16.16 -0.78 -35.90
N THR B 122 -15.15 -0.98 -36.74
CA THR B 122 -13.87 -0.32 -36.58
C THR B 122 -13.97 1.12 -37.02
N LYS B 123 -13.34 2.00 -36.27
CA LYS B 123 -13.39 3.41 -36.56
C LYS B 123 -12.06 4.06 -36.20
N GLY B 124 -11.44 4.73 -37.15
CA GLY B 124 -10.17 5.41 -36.90
C GLY B 124 -10.35 6.66 -36.06
N PRO B 125 -9.26 7.09 -35.39
CA PRO B 125 -9.33 8.29 -34.54
C PRO B 125 -9.16 9.56 -35.36
N SER B 126 -9.74 10.66 -34.89
CA SER B 126 -9.36 12.00 -35.31
C SER B 126 -8.26 12.44 -34.38
N VAL B 127 -7.28 13.16 -34.89
CA VAL B 127 -6.13 13.57 -34.09
C VAL B 127 -6.07 15.09 -34.00
N PHE B 128 -6.14 15.62 -32.78
CA PHE B 128 -6.15 17.06 -32.58
C PHE B 128 -4.93 17.56 -31.80
N PRO B 129 -4.44 18.76 -32.12
CA PRO B 129 -3.26 19.26 -31.40
C PRO B 129 -3.61 19.75 -30.00
N LEU B 130 -2.70 19.54 -29.06
CA LEU B 130 -2.81 20.16 -27.74
C LEU B 130 -1.66 21.13 -27.68
N ALA B 131 -1.97 22.38 -28.02
CA ALA B 131 -0.93 23.35 -28.35
C ALA B 131 -0.31 23.94 -27.10
N PRO B 132 1.03 24.05 -27.10
CA PRO B 132 1.72 24.78 -26.03
C PRO B 132 1.39 26.26 -26.11
N SER B 133 1.40 26.95 -24.98
CA SER B 133 1.27 28.40 -24.95
C SER B 133 1.88 28.87 -23.65
N SER B 134 1.46 30.05 -23.18
CA SER B 134 1.83 30.51 -21.84
C SER B 134 1.05 29.75 -20.77
N LYS B 135 -0.18 29.35 -21.10
CA LYS B 135 -1.05 28.59 -20.18
C LYS B 135 -0.50 27.17 -19.97
N SER B 136 0.49 26.83 -20.78
CA SER B 136 1.16 25.54 -20.65
C SER B 136 2.70 25.65 -20.72
N THR B 137 3.24 26.79 -20.25
CA THR B 137 4.70 27.00 -20.14
C THR B 137 5.12 27.60 -18.78
N SER B 138 5.67 26.75 -17.90
CA SER B 138 6.13 27.21 -16.59
C SER B 138 7.61 26.91 -16.36
N GLY B 139 8.38 27.97 -16.10
CA GLY B 139 9.80 27.84 -15.79
C GLY B 139 10.66 27.32 -16.93
N GLY B 140 10.45 27.85 -18.13
CA GLY B 140 11.20 27.40 -19.29
C GLY B 140 10.77 26.06 -19.87
N THR B 141 9.82 25.39 -19.24
CA THR B 141 9.33 24.10 -19.72
C THR B 141 7.94 24.23 -20.34
N ALA B 142 7.76 23.72 -21.55
CA ALA B 142 6.44 23.75 -22.19
C ALA B 142 5.85 22.34 -22.34
N ALA B 143 4.53 22.25 -22.27
CA ALA B 143 3.86 20.97 -22.46
C ALA B 143 3.02 21.03 -23.74
N LEU B 144 3.01 19.94 -24.47
CA LEU B 144 2.25 19.88 -25.70
C LEU B 144 1.85 18.44 -25.95
N GLY B 145 0.78 18.26 -26.71
CA GLY B 145 0.29 16.93 -26.92
C GLY B 145 -0.64 16.79 -28.11
N CYS B 146 -1.17 15.60 -28.24
CA CYS B 146 -2.13 15.25 -29.27
C CYS B 146 -3.32 14.58 -28.62
N LEU B 147 -4.50 15.03 -29.01
CA LEU B 147 -5.73 14.38 -28.58
C LEU B 147 -6.13 13.36 -29.65
N VAL B 148 -6.20 12.10 -29.27
CA VAL B 148 -6.51 11.02 -30.19
C VAL B 148 -7.90 10.50 -29.86
N LYS B 149 -8.87 10.92 -30.65
CA LYS B 149 -10.27 10.88 -30.22
C LYS B 149 -11.15 9.98 -31.08
N ASP B 150 -12.10 9.32 -30.42
CA ASP B 150 -13.18 8.56 -31.08
C ASP B 150 -12.75 7.41 -31.99
N TYR B 151 -12.00 6.47 -31.45
CA TYR B 151 -11.62 5.30 -32.23
C TYR B 151 -12.15 4.02 -31.60
N PHE B 152 -12.09 2.93 -32.36
CA PHE B 152 -12.47 1.61 -31.89
C PHE B 152 -11.95 0.53 -32.85
N PRO B 153 -11.48 -0.59 -32.31
CA PRO B 153 -11.24 -0.85 -30.89
C PRO B 153 -9.84 -0.37 -30.51
N GLU B 154 -9.43 -0.58 -29.26
CA GLU B 154 -8.04 -0.46 -28.87
C GLU B 154 -7.26 -1.50 -29.67
N PRO B 155 -5.93 -1.33 -29.79
CA PRO B 155 -5.07 -0.29 -29.23
C PRO B 155 -4.79 0.78 -30.27
N VAL B 156 -4.13 1.84 -29.86
CA VAL B 156 -3.61 2.82 -30.79
C VAL B 156 -2.18 3.10 -30.37
N THR B 157 -1.28 3.31 -31.33
CA THR B 157 0.11 3.63 -30.95
C THR B 157 0.40 5.09 -31.21
N VAL B 158 1.19 5.67 -30.31
CA VAL B 158 1.60 7.05 -30.45
C VAL B 158 3.07 7.12 -30.17
N SER B 159 3.81 7.80 -31.06
CA SER B 159 5.18 8.14 -30.82
C SER B 159 5.38 9.59 -31.20
N TRP B 160 6.54 10.14 -30.85
CA TRP B 160 6.84 11.51 -31.17
C TRP B 160 8.09 11.62 -32.03
N ASN B 161 8.01 12.47 -33.05
CA ASN B 161 9.09 12.67 -34.01
C ASN B 161 9.67 11.35 -34.47
N SER B 162 8.79 10.50 -34.98
CA SER B 162 9.14 9.18 -35.53
C SER B 162 10.01 8.31 -34.63
N GLY B 163 9.81 8.41 -33.33
CA GLY B 163 10.61 7.63 -32.39
C GLY B 163 11.78 8.38 -31.80
N ALA B 164 12.18 9.51 -32.39
CA ALA B 164 13.34 10.27 -31.89
C ALA B 164 13.10 10.99 -30.57
N LEU B 165 11.84 11.23 -30.21
CA LEU B 165 11.52 11.90 -28.94
C LEU B 165 10.77 10.95 -28.01
N THR B 166 11.38 10.62 -26.88
CA THR B 166 10.80 9.69 -25.92
C THR B 166 10.88 10.21 -24.50
N SER B 167 11.84 11.07 -24.23
CA SER B 167 11.99 11.62 -22.92
C SER B 167 10.86 12.64 -22.63
N GLY B 168 10.16 12.44 -21.52
CA GLY B 168 9.11 13.36 -21.11
C GLY B 168 7.80 13.06 -21.80
N VAL B 169 7.74 11.92 -22.50
CA VAL B 169 6.50 11.49 -23.15
C VAL B 169 5.57 10.69 -22.23
N HIS B 170 4.33 11.15 -22.11
CA HIS B 170 3.31 10.37 -21.43
C HIS B 170 2.15 10.15 -22.36
N THR B 171 1.90 8.89 -22.67
CA THR B 171 0.71 8.56 -23.43
C THR B 171 -0.30 7.91 -22.49
N PHE B 172 -1.44 8.56 -22.31
CA PHE B 172 -2.41 8.12 -21.31
C PHE B 172 -3.13 6.82 -21.70
N PRO B 173 -3.48 6.02 -20.71
CA PRO B 173 -4.37 4.88 -20.98
C PRO B 173 -5.65 5.41 -21.59
N ALA B 174 -6.18 4.75 -22.61
CA ALA B 174 -7.42 5.17 -23.22
C ALA B 174 -8.58 5.05 -22.22
N VAL B 175 -9.58 5.88 -22.42
CA VAL B 175 -10.82 5.77 -21.69
C VAL B 175 -11.94 5.56 -22.68
N LEU B 176 -12.94 4.79 -22.27
CA LEU B 176 -14.10 4.53 -23.08
C LEU B 176 -15.12 5.65 -22.83
N GLN B 177 -15.61 6.27 -23.89
CA GLN B 177 -16.60 7.34 -23.75
C GLN B 177 -18.00 6.72 -23.80
N SER B 178 -19.02 7.53 -23.52
CA SER B 178 -20.38 7.03 -23.52
C SER B 178 -20.79 6.61 -24.93
N SER B 179 -20.12 7.17 -25.92
CA SER B 179 -20.35 6.80 -27.31
C SER B 179 -19.91 5.37 -27.60
N GLY B 180 -19.17 4.76 -26.66
CA GLY B 180 -18.65 3.43 -26.87
C GLY B 180 -17.34 3.47 -27.65
N LEU B 181 -16.78 4.67 -27.80
CA LEU B 181 -15.54 4.90 -28.54
C LEU B 181 -14.47 5.35 -27.59
N TYR B 182 -13.22 5.03 -27.91
CA TYR B 182 -12.10 5.38 -27.03
C TYR B 182 -11.47 6.73 -27.36
N SER B 183 -10.85 7.30 -26.34
CA SER B 183 -10.12 8.54 -26.50
C SER B 183 -8.88 8.56 -25.59
N LEU B 184 -7.77 9.12 -26.06
CA LEU B 184 -6.60 9.33 -25.21
C LEU B 184 -5.84 10.59 -25.61
N SER B 185 -5.04 11.10 -24.68
CA SER B 185 -4.06 12.13 -24.99
C SER B 185 -2.63 11.62 -24.80
N SER B 186 -1.71 12.14 -25.59
CA SER B 186 -0.30 11.85 -25.44
C SER B 186 0.35 13.18 -25.30
N VAL B 187 1.19 13.37 -24.29
CA VAL B 187 1.80 14.66 -24.06
C VAL B 187 3.29 14.51 -23.92
N VAL B 188 3.99 15.63 -24.04
CA VAL B 188 5.42 15.64 -23.88
C VAL B 188 5.79 17.01 -23.37
N THR B 189 6.80 17.07 -22.53
CA THR B 189 7.35 18.35 -22.10
C THR B 189 8.71 18.61 -22.77
N VAL B 190 8.89 19.83 -23.25
CA VAL B 190 10.09 20.20 -23.98
C VAL B 190 10.52 21.57 -23.53
N PRO B 191 11.79 21.93 -23.78
CA PRO B 191 12.18 23.32 -23.47
C PRO B 191 11.32 24.29 -24.27
N SER B 192 10.80 25.33 -23.65
CA SER B 192 10.01 26.31 -24.38
C SER B 192 10.85 26.98 -25.49
N SER B 193 12.16 27.15 -25.25
CA SER B 193 13.05 27.77 -26.26
C SER B 193 13.19 26.97 -27.56
N SER B 194 12.74 25.71 -27.56
CA SER B 194 12.88 24.89 -28.74
C SER B 194 11.64 24.95 -29.61
N LEU B 195 10.58 25.57 -29.10
CA LEU B 195 9.32 25.64 -29.82
C LEU B 195 9.46 26.35 -31.16
N GLY B 196 10.34 27.33 -31.23
CA GLY B 196 10.59 28.02 -32.48
C GLY B 196 11.43 27.19 -33.43
N THR B 197 12.43 26.52 -32.87
CA THR B 197 13.42 25.78 -33.64
C THR B 197 12.93 24.40 -34.10
N GLN B 198 12.39 23.62 -33.21
CA GLN B 198 12.06 22.23 -33.42
C GLN B 198 10.64 21.97 -33.87
N THR B 199 10.45 20.97 -34.70
CA THR B 199 9.12 20.56 -35.10
C THR B 199 8.68 19.38 -34.25
N TYR B 200 7.45 19.42 -33.76
CA TYR B 200 6.95 18.35 -32.91
C TYR B 200 5.76 17.67 -33.54
N ILE B 201 5.90 16.37 -33.74
CA ILE B 201 4.90 15.60 -34.48
C ILE B 201 4.54 14.36 -33.70
N CYS B 202 3.25 14.19 -33.39
CA CYS B 202 2.82 12.93 -32.83
C CYS B 202 2.44 11.95 -33.95
N ASN B 203 3.04 10.77 -33.93
CA ASN B 203 2.76 9.76 -34.95
C ASN B 203 1.73 8.79 -34.44
N VAL B 204 0.56 8.80 -35.06
CA VAL B 204 -0.54 8.01 -34.56
C VAL B 204 -0.85 6.87 -35.52
N ASN B 205 -0.85 5.65 -35.00
CA ASN B 205 -1.22 4.49 -35.81
C ASN B 205 -2.33 3.72 -35.14
N HIS B 206 -3.46 3.63 -35.83
CA HIS B 206 -4.54 2.77 -35.39
C HIS B 206 -4.56 1.58 -36.35
N LYS B 207 -3.78 0.57 -36.02
CA LYS B 207 -3.72 -0.64 -36.84
C LYS B 207 -5.07 -1.29 -37.18
N PRO B 208 -6.03 -1.38 -36.23
CA PRO B 208 -7.30 -2.01 -36.61
C PRO B 208 -8.08 -1.32 -37.75
N SER B 209 -7.83 -0.05 -38.02
CA SER B 209 -8.56 0.69 -39.06
C SER B 209 -7.62 1.20 -40.15
N ASN B 210 -6.36 0.78 -40.07
CA ASN B 210 -5.33 1.21 -41.03
C ASN B 210 -5.22 2.71 -41.14
N THR B 211 -5.41 3.40 -40.02
CA THR B 211 -5.29 4.83 -39.97
C THR B 211 -3.94 5.22 -39.40
N LYS B 212 -3.11 5.82 -40.25
CA LYS B 212 -1.86 6.43 -39.81
C LYS B 212 -1.97 7.93 -39.99
N VAL B 213 -1.71 8.66 -38.91
CA VAL B 213 -1.75 10.12 -38.97
C VAL B 213 -0.52 10.71 -38.31
N ASP B 214 0.10 11.68 -38.98
CA ASP B 214 1.14 12.49 -38.36
C ASP B 214 0.58 13.88 -38.12
N LYS B 215 0.44 14.25 -36.86
CA LYS B 215 -0.08 15.56 -36.49
C LYS B 215 1.02 16.44 -35.97
N ARG B 216 1.26 17.55 -36.66
CA ARG B 216 2.20 18.56 -36.20
C ARG B 216 1.52 19.43 -35.15
N VAL B 217 2.24 19.71 -34.06
CA VAL B 217 1.69 20.49 -32.95
C VAL B 217 2.50 21.74 -32.72
N GLU B 218 1.87 22.91 -32.86
CA GLU B 218 2.55 24.21 -32.87
C GLU B 218 1.90 25.14 -31.86
N PRO B 219 2.66 26.13 -31.37
CA PRO B 219 2.10 27.16 -30.49
C PRO B 219 1.02 27.95 -31.22
N LYS B 220 -0.08 28.32 -30.55
CA LYS B 220 -1.14 29.11 -31.20
C LYS B 220 -0.98 30.59 -30.93
N ASP C 1 22.95 -16.65 15.75
CA ASP C 1 21.54 -16.96 15.92
C ASP C 1 20.85 -17.30 14.61
N ILE C 2 19.69 -17.94 14.72
CA ILE C 2 18.85 -18.19 13.55
C ILE C 2 18.14 -16.90 13.17
N LEU C 3 18.27 -16.50 11.90
CA LEU C 3 17.52 -15.35 11.40
C LEU C 3 16.16 -15.78 10.85
N LEU C 4 15.10 -15.07 11.23
CA LEU C 4 13.80 -15.32 10.66
C LEU C 4 13.41 -14.14 9.80
N THR C 5 13.06 -14.42 8.55
CA THR C 5 12.68 -13.38 7.62
C THR C 5 11.19 -13.50 7.36
N GLN C 6 10.44 -12.51 7.83
CA GLN C 6 9.00 -12.52 7.59
C GLN C 6 8.66 -11.66 6.38
N SER C 7 7.65 -12.07 5.62
CA SER C 7 7.23 -11.29 4.46
C SER C 7 5.74 -11.47 4.16
N PRO C 8 5.09 -10.40 3.68
CA PRO C 8 5.71 -9.09 3.45
C PRO C 8 5.78 -8.27 4.74
N VAL C 9 6.48 -7.15 4.69
CA VAL C 9 6.51 -6.23 5.81
C VAL C 9 5.10 -5.73 6.11
N ILE C 10 4.37 -5.39 5.05
CA ILE C 10 2.99 -4.93 5.18
C ILE C 10 2.07 -5.75 4.29
N LEU C 11 1.03 -6.30 4.91
CA LEU C 11 0.11 -7.18 4.21
C LEU C 11 -1.28 -6.55 4.15
N SER C 12 -1.61 -5.97 3.01
CA SER C 12 -2.92 -5.34 2.83
C SER C 12 -3.87 -6.30 2.12
N VAL C 13 -5.04 -6.55 2.72
CA VAL C 13 -5.99 -7.49 2.13
C VAL C 13 -7.43 -7.06 2.35
N SER C 14 -8.32 -7.60 1.53
CA SER C 14 -9.74 -7.31 1.63
C SER C 14 -10.42 -8.26 2.61
N PRO C 15 -11.38 -7.76 3.38
CA PRO C 15 -12.01 -8.60 4.40
C PRO C 15 -12.70 -9.84 3.81
N GLY C 16 -12.64 -10.95 4.54
CA GLY C 16 -13.22 -12.20 4.07
C GLY C 16 -12.28 -13.02 3.20
N GLU C 17 -11.20 -12.40 2.74
CA GLU C 17 -10.19 -13.10 1.95
C GLU C 17 -9.35 -14.08 2.78
N ARG C 18 -8.59 -14.91 2.08
CA ARG C 18 -7.60 -15.77 2.73
C ARG C 18 -6.28 -15.03 2.83
N VAL C 19 -5.57 -15.21 3.93
CA VAL C 19 -4.38 -14.42 4.22
C VAL C 19 -3.22 -15.31 4.62
N SER C 20 -2.05 -15.05 4.05
CA SER C 20 -0.89 -15.89 4.33
C SER C 20 0.38 -15.15 4.68
N PHE C 21 0.76 -15.27 5.95
CA PHE C 21 1.99 -14.65 6.42
C PHE C 21 3.13 -15.62 6.17
N SER C 22 4.27 -15.09 5.75
CA SER C 22 5.38 -15.94 5.38
C SER C 22 6.57 -15.74 6.32
N CYS C 23 7.15 -16.84 6.77
CA CYS C 23 8.30 -16.81 7.67
C CYS C 23 9.36 -17.79 7.17
N ARG C 24 10.54 -17.27 6.83
CA ARG C 24 11.59 -18.12 6.32
C ARG C 24 12.75 -18.12 7.32
N ALA C 25 13.25 -19.30 7.65
CA ALA C 25 14.37 -19.43 8.58
C ALA C 25 15.71 -19.49 7.83
N SER C 26 16.75 -18.98 8.48
CA SER C 26 18.07 -18.87 7.85
C SER C 26 18.73 -20.24 7.68
N GLN C 27 18.14 -21.24 8.32
CA GLN C 27 18.54 -22.65 8.18
C GLN C 27 17.41 -23.54 8.66
N SER C 28 17.51 -24.85 8.45
CA SER C 28 16.42 -25.74 8.85
C SER C 28 16.17 -25.75 10.36
N ILE C 29 14.89 -25.77 10.71
CA ILE C 29 14.46 -25.76 12.10
C ILE C 29 13.29 -26.69 12.34
N GLY C 30 13.08 -27.64 11.43
CA GLY C 30 12.04 -28.65 11.60
C GLY C 30 10.65 -28.08 11.59
N THR C 31 9.93 -28.25 12.69
CA THR C 31 8.63 -27.59 12.83
C THR C 31 8.64 -26.72 14.09
N ASN C 32 9.83 -26.27 14.48
CA ASN C 32 10.01 -25.56 15.73
C ASN C 32 9.78 -24.06 15.61
N ILE C 33 8.57 -23.70 15.21
CA ILE C 33 8.22 -22.31 14.98
C ILE C 33 6.89 -22.03 15.69
N HIS C 34 6.80 -20.88 16.35
CA HIS C 34 5.56 -20.45 16.99
C HIS C 34 5.08 -19.10 16.41
N TRP C 35 3.78 -18.87 16.41
CA TRP C 35 3.23 -17.64 15.88
C TRP C 35 2.49 -16.85 16.94
N TYR C 36 2.61 -15.55 16.87
CA TYR C 36 2.00 -14.65 17.86
C TYR C 36 1.23 -13.53 17.19
N GLN C 37 0.30 -12.97 17.93
CA GLN C 37 -0.45 -11.82 17.44
C GLN C 37 -0.22 -10.65 18.39
N GLN C 38 0.05 -9.47 17.86
CA GLN C 38 0.10 -8.30 18.74
C GLN C 38 -0.86 -7.22 18.26
N ARG C 39 -1.97 -7.11 18.97
CA ARG C 39 -2.96 -6.07 18.76
C ARG C 39 -2.49 -4.81 19.44
N THR C 40 -3.06 -3.67 19.02
CA THR C 40 -2.69 -2.37 19.55
C THR C 40 -2.74 -2.28 21.09
N ASN C 41 -1.67 -1.75 21.68
CA ASN C 41 -1.49 -1.69 23.14
C ASN C 41 -1.41 -3.04 23.85
N GLY C 42 -1.60 -4.14 23.13
CA GLY C 42 -1.59 -5.45 23.75
C GLY C 42 -0.24 -6.14 23.92
N SER C 43 -0.26 -7.27 24.62
CA SER C 43 0.90 -8.15 24.71
C SER C 43 0.75 -9.16 23.59
N PRO C 44 1.83 -9.82 23.18
CA PRO C 44 1.68 -10.88 22.17
C PRO C 44 0.73 -11.99 22.65
N ARG C 45 -0.11 -12.49 21.74
CA ARG C 45 -0.96 -13.64 22.01
C ARG C 45 -0.50 -14.80 21.14
N LEU C 46 -0.05 -15.86 21.79
CA LEU C 46 0.30 -17.11 21.10
C LEU C 46 -0.90 -17.65 20.29
N LEU C 47 -0.65 -17.98 19.03
CA LEU C 47 -1.72 -18.40 18.10
C LEU C 47 -1.59 -19.84 17.64
N ILE C 48 -0.36 -20.23 17.33
CA ILE C 48 -0.04 -21.54 16.78
C ILE C 48 1.26 -21.99 17.42
N LYS C 49 1.36 -23.26 17.79
CA LYS C 49 2.63 -23.78 18.27
C LYS C 49 3.16 -24.91 17.38
N TYR C 50 4.48 -24.99 17.26
CA TYR C 50 5.14 -26.04 16.50
C TYR C 50 4.62 -26.16 15.06
N ALA C 51 4.68 -25.04 14.34
CA ALA C 51 4.26 -24.95 12.95
C ALA C 51 2.77 -24.97 12.72
N SER C 52 2.08 -25.96 13.28
CA SER C 52 0.71 -26.26 12.88
C SER C 52 -0.28 -26.59 14.00
N GLU C 53 0.18 -26.64 15.24
CA GLU C 53 -0.69 -27.14 16.32
C GLU C 53 -1.47 -26.01 16.96
N SER C 54 -2.75 -26.24 17.23
CA SER C 54 -3.61 -25.18 17.74
C SER C 54 -3.42 -24.88 19.23
N ILE C 55 -3.97 -23.75 19.64
CA ILE C 55 -3.88 -23.25 21.01
C ILE C 55 -5.30 -23.03 21.55
N SER C 56 -5.54 -23.47 22.78
CA SER C 56 -6.87 -23.31 23.37
C SER C 56 -7.29 -21.85 23.48
N GLY C 57 -8.38 -21.51 22.80
CA GLY C 57 -8.94 -20.18 22.86
C GLY C 57 -8.80 -19.41 21.57
N ILE C 58 -8.01 -19.95 20.63
CA ILE C 58 -7.73 -19.25 19.39
C ILE C 58 -8.71 -19.71 18.30
N PRO C 59 -9.44 -18.75 17.71
CA PRO C 59 -10.45 -19.10 16.70
C PRO C 59 -9.88 -19.98 15.57
N SER C 60 -10.69 -20.93 15.12
CA SER C 60 -10.25 -21.97 14.21
C SER C 60 -9.83 -21.43 12.85
N ARG C 61 -10.13 -20.17 12.58
CA ARG C 61 -9.74 -19.59 11.29
C ARG C 61 -8.23 -19.37 11.20
N PHE C 62 -7.55 -19.40 12.34
CA PHE C 62 -6.10 -19.41 12.38
C PHE C 62 -5.58 -20.84 12.21
N SER C 63 -4.64 -21.02 11.29
CA SER C 63 -3.93 -22.30 11.15
C SER C 63 -2.50 -22.01 10.68
N GLY C 64 -1.68 -23.05 10.68
CA GLY C 64 -0.28 -22.89 10.33
C GLY C 64 0.31 -24.13 9.66
N SER C 65 1.36 -23.93 8.88
CA SER C 65 1.92 -25.04 8.11
C SER C 65 3.39 -24.81 7.78
N GLY C 66 4.03 -25.86 7.31
CA GLY C 66 5.42 -25.78 6.90
C GLY C 66 6.37 -26.59 7.75
N SER C 67 7.55 -26.86 7.20
CA SER C 67 8.62 -27.52 7.93
C SER C 67 9.92 -27.25 7.21
N GLY C 68 11.03 -27.39 7.93
CA GLY C 68 12.33 -27.10 7.35
C GLY C 68 12.64 -25.63 7.50
N THR C 69 12.38 -24.86 6.44
CA THR C 69 12.73 -23.44 6.45
C THR C 69 11.57 -22.51 6.12
N ASP C 70 10.58 -23.01 5.38
CA ASP C 70 9.45 -22.18 4.96
C ASP C 70 8.19 -22.42 5.78
N PHE C 71 7.70 -21.39 6.45
CA PHE C 71 6.54 -21.54 7.32
C PHE C 71 5.45 -20.53 6.96
N THR C 72 4.21 -20.90 7.24
CA THR C 72 3.07 -20.10 6.83
C THR C 72 2.06 -19.98 7.98
N LEU C 73 1.61 -18.76 8.24
CA LEU C 73 0.48 -18.57 9.15
C LEU C 73 -0.71 -18.21 8.29
N SER C 74 -1.86 -18.83 8.56
CA SER C 74 -3.04 -18.65 7.71
C SER C 74 -4.29 -18.24 8.46
N ILE C 75 -4.96 -17.21 7.96
CA ILE C 75 -6.29 -16.86 8.43
C ILE C 75 -7.24 -17.04 7.27
N ASN C 76 -8.09 -18.07 7.34
CA ASN C 76 -8.91 -18.43 6.18
C ASN C 76 -9.88 -17.34 5.71
N SER C 77 -10.56 -16.69 6.65
CA SER C 77 -11.45 -15.60 6.31
C SER C 77 -11.22 -14.42 7.23
N VAL C 78 -10.33 -13.52 6.80
CA VAL C 78 -9.86 -12.43 7.63
C VAL C 78 -10.98 -11.46 8.04
N GLU C 79 -10.91 -10.98 9.29
CA GLU C 79 -11.89 -10.06 9.83
C GLU C 79 -11.17 -8.81 10.33
N SER C 80 -11.89 -7.71 10.48
CA SER C 80 -11.28 -6.48 10.95
C SER C 80 -10.74 -6.61 12.38
N GLU C 81 -11.30 -7.52 13.16
CA GLU C 81 -10.74 -7.80 14.49
C GLU C 81 -9.37 -8.48 14.41
N ASP C 82 -8.96 -8.89 13.21
CA ASP C 82 -7.65 -9.50 13.03
C ASP C 82 -6.55 -8.46 12.74
N ILE C 83 -6.91 -7.19 12.66
CA ILE C 83 -5.91 -6.14 12.51
C ILE C 83 -4.93 -6.18 13.68
N ALA C 84 -3.68 -6.50 13.37
CA ALA C 84 -2.63 -6.61 14.37
C ALA C 84 -1.31 -6.83 13.67
N ASP C 85 -0.24 -6.93 14.45
CA ASP C 85 1.02 -7.40 13.92
C ASP C 85 1.13 -8.89 14.19
N TYR C 86 1.87 -9.60 13.35
CA TYR C 86 2.03 -11.04 13.48
C TYR C 86 3.49 -11.47 13.48
N TYR C 87 3.87 -12.25 14.47
CA TYR C 87 5.26 -12.62 14.66
C TYR C 87 5.48 -14.12 14.61
N CYS C 88 6.61 -14.52 14.06
CA CYS C 88 7.05 -15.89 14.20
C CYS C 88 8.28 -15.99 15.13
N GLN C 89 8.41 -17.14 15.76
CA GLN C 89 9.50 -17.41 16.71
C GLN C 89 10.03 -18.80 16.42
N GLN C 90 11.35 -18.95 16.43
CA GLN C 90 11.94 -20.28 16.31
C GLN C 90 12.58 -20.67 17.63
N ASN C 91 12.56 -21.95 17.95
CA ASN C 91 13.29 -22.46 19.12
C ASN C 91 13.98 -23.81 18.89
N ASN C 92 14.38 -24.06 17.65
CA ASN C 92 15.23 -25.23 17.37
C ASN C 92 16.67 -24.97 17.84
N ASN C 93 17.15 -23.76 17.62
CA ASN C 93 18.48 -23.38 18.07
C ASN C 93 18.45 -22.35 19.18
N TRP C 94 19.37 -22.45 20.12
CA TRP C 94 19.45 -21.53 21.24
C TRP C 94 20.31 -20.35 20.81
N PRO C 95 19.82 -19.13 21.07
CA PRO C 95 18.58 -18.87 21.81
C PRO C 95 17.37 -18.70 20.92
N THR C 96 16.19 -18.75 21.53
CA THR C 96 14.97 -18.50 20.78
C THR C 96 15.02 -17.10 20.18
N THR C 97 14.59 -16.98 18.93
CA THR C 97 14.63 -15.70 18.24
C THR C 97 13.32 -15.47 17.51
N PHE C 98 12.97 -14.20 17.35
CA PHE C 98 11.71 -13.83 16.72
C PHE C 98 11.94 -13.16 15.36
N GLY C 99 10.96 -13.28 14.46
CA GLY C 99 10.97 -12.50 13.22
C GLY C 99 10.71 -11.03 13.47
N ALA C 100 10.72 -10.22 12.42
CA ALA C 100 10.58 -8.77 12.55
C ALA C 100 9.10 -8.37 12.54
N GLY C 101 8.25 -9.28 12.10
CA GLY C 101 6.82 -9.04 12.12
C GLY C 101 6.26 -8.65 10.77
N THR C 102 4.96 -8.87 10.62
CA THR C 102 4.21 -8.43 9.44
C THR C 102 2.96 -7.70 9.92
N LYS C 103 2.79 -6.46 9.45
CA LYS C 103 1.61 -5.62 9.72
C LYS C 103 0.43 -6.08 8.88
N LEU C 104 -0.68 -6.44 9.51
CA LEU C 104 -1.88 -6.75 8.75
C LEU C 104 -2.77 -5.50 8.65
N GLU C 105 -3.05 -5.08 7.43
CA GLU C 105 -3.95 -3.96 7.17
C GLU C 105 -5.19 -4.41 6.42
N LEU C 106 -6.32 -3.81 6.73
CA LEU C 106 -7.53 -4.14 6.01
C LEU C 106 -8.00 -3.06 5.05
N LYS C 107 -8.40 -3.50 3.86
CA LYS C 107 -8.97 -2.62 2.88
C LYS C 107 -10.44 -2.43 3.20
N ARG C 108 -10.97 -1.26 2.86
CA ARG C 108 -12.40 -1.02 2.96
C ARG C 108 -12.75 0.14 2.04
N THR C 109 -14.04 0.40 1.90
CA THR C 109 -14.50 1.49 1.08
C THR C 109 -14.10 2.81 1.70
N VAL C 110 -13.73 3.74 0.84
CA VAL C 110 -13.53 5.13 1.19
C VAL C 110 -14.62 5.66 2.14
N ALA C 111 -14.21 6.31 3.22
CA ALA C 111 -15.11 7.00 4.13
C ALA C 111 -14.51 8.35 4.45
N ALA C 112 -15.29 9.41 4.23
CA ALA C 112 -14.84 10.76 4.48
C ALA C 112 -14.78 11.02 5.99
N PRO C 113 -13.82 11.85 6.43
CA PRO C 113 -13.72 12.14 7.86
C PRO C 113 -14.76 13.15 8.28
N SER C 114 -15.31 12.93 9.48
CA SER C 114 -16.05 13.96 10.18
C SER C 114 -15.01 14.84 10.90
N VAL C 115 -15.14 16.14 10.73
CA VAL C 115 -14.16 17.09 11.27
C VAL C 115 -14.76 17.88 12.46
N PHE C 116 -13.92 18.22 13.44
CA PHE C 116 -14.35 18.97 14.63
C PHE C 116 -13.19 19.83 15.10
N ILE C 117 -13.50 21.07 15.45
CA ILE C 117 -12.48 21.98 15.97
C ILE C 117 -12.77 22.33 17.44
N PHE C 118 -11.70 22.44 18.22
CA PHE C 118 -11.77 22.71 19.66
C PHE C 118 -10.85 23.87 20.02
N PRO C 119 -11.40 24.96 20.56
CA PRO C 119 -10.59 26.12 20.93
C PRO C 119 -9.81 25.77 22.17
N PRO C 120 -8.72 26.48 22.44
CA PRO C 120 -7.98 26.29 23.70
C PRO C 120 -8.89 26.57 24.88
N SER C 121 -8.64 25.91 26.01
CA SER C 121 -9.44 26.12 27.20
C SER C 121 -8.91 27.36 27.88
N ASP C 122 -9.73 27.97 28.72
CA ASP C 122 -9.30 29.12 29.51
C ASP C 122 -8.26 28.69 30.53
N GLU C 123 -8.37 27.45 31.01
CA GLU C 123 -7.43 26.92 32.01
CA GLU C 123 -7.44 26.92 32.00
C GLU C 123 -6.02 26.83 31.43
N GLN C 124 -5.91 26.44 30.16
CA GLN C 124 -4.59 26.34 29.54
C GLN C 124 -3.99 27.73 29.32
N LEU C 125 -4.83 28.67 28.90
CA LEU C 125 -4.34 30.02 28.58
C LEU C 125 -3.55 30.67 29.71
N LYS C 126 -3.88 30.36 30.96
CA LYS C 126 -3.14 30.87 32.11
C LYS C 126 -1.68 30.42 32.07
N SER C 127 -1.38 29.38 31.31
CA SER C 127 -0.01 28.90 31.27
C SER C 127 0.83 29.61 30.20
N GLY C 128 0.18 30.43 29.38
CA GLY C 128 0.89 31.17 28.36
C GLY C 128 0.98 30.45 27.02
N THR C 129 0.28 29.32 26.90
CA THR C 129 0.24 28.54 25.67
C THR C 129 -1.20 28.25 25.29
N ALA C 130 -1.50 28.30 24.00
CA ALA C 130 -2.81 27.90 23.52
C ALA C 130 -2.68 26.73 22.57
N SER C 131 -3.33 25.61 22.89
CA SER C 131 -3.41 24.48 21.96
C SER C 131 -4.74 24.55 21.23
N VAL C 132 -4.71 24.48 19.91
CA VAL C 132 -5.95 24.43 19.14
C VAL C 132 -6.00 23.10 18.40
N VAL C 133 -7.08 22.35 18.56
CA VAL C 133 -7.12 20.97 18.13
C VAL C 133 -8.18 20.69 17.09
N CYS C 134 -7.79 19.92 16.06
CA CYS C 134 -8.68 19.53 14.97
C CYS C 134 -8.78 18.01 14.96
N LEU C 135 -10.00 17.50 14.99
CA LEU C 135 -10.24 16.06 14.97
C LEU C 135 -10.77 15.66 13.60
N LEU C 136 -10.18 14.63 13.02
CA LEU C 136 -10.77 14.00 11.85
C LEU C 136 -11.18 12.60 12.26
N ASN C 137 -12.48 12.35 12.26
CA ASN C 137 -12.97 11.08 12.80
C ASN C 137 -13.34 10.03 11.75
N ASN C 138 -12.87 8.81 12.00
CA ASN C 138 -13.35 7.59 11.33
C ASN C 138 -13.33 7.62 9.81
N PHE C 139 -12.15 7.66 9.23
CA PHE C 139 -12.05 7.84 7.77
C PHE C 139 -11.17 6.78 7.13
N TYR C 140 -11.26 6.68 5.80
CA TYR C 140 -10.44 5.74 5.07
C TYR C 140 -10.31 6.21 3.62
N PRO C 141 -9.09 6.20 3.07
CA PRO C 141 -7.86 5.67 3.65
C PRO C 141 -7.13 6.65 4.59
N ARG C 142 -6.00 6.17 5.11
CA ARG C 142 -5.22 6.84 6.14
C ARG C 142 -4.80 8.27 5.77
N GLU C 143 -4.40 8.47 4.51
CA GLU C 143 -3.87 9.75 4.06
CA GLU C 143 -3.86 9.76 4.08
C GLU C 143 -4.90 10.88 4.12
N ALA C 144 -4.53 11.97 4.78
CA ALA C 144 -5.39 13.14 4.91
C ALA C 144 -4.52 14.36 5.15
N LYS C 145 -4.98 15.52 4.70
CA LYS C 145 -4.23 16.74 4.94
C LYS C 145 -5.06 17.75 5.76
N VAL C 146 -4.47 18.19 6.87
CA VAL C 146 -5.02 19.27 7.66
C VAL C 146 -4.16 20.52 7.48
N GLN C 147 -4.79 21.62 7.07
CA GLN C 147 -4.12 22.91 7.07
C GLN C 147 -4.76 23.86 8.07
N TRP C 148 -3.92 24.59 8.81
CA TRP C 148 -4.41 25.58 9.77
C TRP C 148 -4.29 26.99 9.22
N LYS C 149 -5.40 27.71 9.16
CA LYS C 149 -5.36 29.10 8.80
C LYS C 149 -5.83 29.94 9.98
N VAL C 150 -5.02 30.91 10.38
CA VAL C 150 -5.37 31.85 11.43
C VAL C 150 -5.51 33.23 10.82
N ASP C 151 -6.72 33.80 10.86
CA ASP C 151 -7.02 35.05 10.15
C ASP C 151 -6.51 34.96 8.70
N ASN C 152 -6.72 33.79 8.11
CA ASN C 152 -6.35 33.47 6.73
C ASN C 152 -4.87 33.31 6.39
N ALA C 153 -4.00 33.35 7.40
CA ALA C 153 -2.61 33.02 7.15
C ALA C 153 -2.43 31.51 7.34
N LEU C 154 -1.87 30.84 6.33
CA LEU C 154 -1.51 29.44 6.46
C LEU C 154 -0.46 29.29 7.55
N GLN C 155 -0.67 28.34 8.45
CA GLN C 155 0.33 28.06 9.48
C GLN C 155 1.28 26.97 9.00
N SER C 156 2.54 27.11 9.36
CA SER C 156 3.52 26.12 9.03
C SER C 156 4.52 26.01 10.16
N GLY C 157 4.80 24.78 10.57
CA GLY C 157 5.83 24.53 11.55
C GLY C 157 5.35 24.53 12.98
N ASN C 158 4.08 24.89 13.21
CA ASN C 158 3.51 24.91 14.55
C ASN C 158 2.35 23.94 14.76
N SER C 159 2.38 22.84 14.03
CA SER C 159 1.38 21.81 14.24
C SER C 159 1.97 20.38 14.26
N GLN C 160 1.34 19.53 15.06
CA GLN C 160 1.69 18.10 15.12
C GLN C 160 0.43 17.24 14.90
N GLU C 161 0.55 16.20 14.10
CA GLU C 161 -0.57 15.30 13.85
C GLU C 161 -0.32 13.99 14.56
N SER C 162 -1.37 13.19 14.71
CA SER C 162 -1.25 11.89 15.32
C SER C 162 -2.38 11.03 14.78
N VAL C 163 -2.05 9.82 14.35
CA VAL C 163 -3.05 8.95 13.76
C VAL C 163 -3.18 7.66 14.56
N THR C 164 -4.41 7.25 14.81
CA THR C 164 -4.67 5.99 15.50
C THR C 164 -4.27 4.82 14.59
N GLU C 165 -4.12 3.65 15.17
CA GLU C 165 -3.99 2.46 14.34
C GLU C 165 -5.35 2.15 13.74
N GLN C 166 -5.38 1.32 12.71
CA GLN C 166 -6.65 1.01 12.08
C GLN C 166 -7.62 0.34 13.07
N ASP C 167 -8.87 0.76 13.03
CA ASP C 167 -9.85 0.39 14.04
C ASP C 167 -10.41 -1.04 13.85
N SER C 168 -10.48 -1.82 14.92
CA SER C 168 -10.78 -3.24 14.73
C SER C 168 -12.24 -3.53 14.44
N LYS C 169 -13.10 -2.52 14.56
CA LYS C 169 -14.51 -2.74 14.22
C LYS C 169 -14.83 -2.35 12.77
N ASP C 170 -14.50 -1.12 12.38
CA ASP C 170 -14.92 -0.57 11.08
C ASP C 170 -13.79 -0.27 10.12
N SER C 171 -12.57 -0.53 10.54
CA SER C 171 -11.37 -0.39 9.70
C SER C 171 -10.99 1.04 9.31
N THR C 172 -11.48 2.03 10.04
CA THR C 172 -11.12 3.42 9.76
C THR C 172 -9.99 3.92 10.64
N TYR C 173 -9.50 5.10 10.29
CA TYR C 173 -8.50 5.79 11.09
C TYR C 173 -9.11 7.04 11.66
N SER C 174 -8.53 7.55 12.73
CA SER C 174 -8.83 8.91 13.17
C SER C 174 -7.53 9.69 13.31
N LEU C 175 -7.61 11.00 13.13
CA LEU C 175 -6.44 11.87 13.24
C LEU C 175 -6.78 13.10 14.09
N SER C 176 -5.80 13.54 14.87
CA SER C 176 -5.92 14.79 15.57
C SER C 176 -4.72 15.65 15.22
N SER C 177 -4.99 16.90 14.86
CA SER C 177 -3.96 17.89 14.58
C SER C 177 -3.99 18.91 15.71
N THR C 178 -2.83 19.20 16.28
CA THR C 178 -2.72 20.20 17.34
C THR C 178 -1.87 21.37 16.88
N LEU C 179 -2.50 22.55 16.82
CA LEU C 179 -1.82 23.80 16.53
C LEU C 179 -1.37 24.42 17.85
N THR C 180 -0.07 24.63 18.01
CA THR C 180 0.45 25.24 19.24
C THR C 180 0.87 26.67 19.00
N LEU C 181 0.40 27.56 19.82
CA LEU C 181 0.57 28.99 19.72
C LEU C 181 0.82 29.56 21.06
N SER C 182 1.52 30.67 21.13
CA SER C 182 1.71 31.37 22.39
C SER C 182 0.38 32.04 22.76
N LYS C 183 0.16 32.26 24.05
CA LYS C 183 -1.05 32.97 24.49
C LYS C 183 -1.17 34.34 23.79
N ALA C 184 -0.03 35.02 23.64
CA ALA C 184 -0.03 36.34 23.04
C ALA C 184 -0.48 36.31 21.57
N ASP C 185 0.10 35.39 20.80
CA ASP C 185 -0.27 35.25 19.40
C ASP C 185 -1.75 34.91 19.29
N TYR C 186 -2.20 34.00 20.15
CA TYR C 186 -3.59 33.56 20.10
C TYR C 186 -4.53 34.73 20.33
N GLU C 187 -4.17 35.60 21.28
CA GLU C 187 -4.99 36.77 21.62
C GLU C 187 -5.01 37.84 20.52
N LYS C 188 -4.02 37.85 19.65
CA LYS C 188 -3.94 38.84 18.59
C LYS C 188 -4.77 38.52 17.35
N HIS C 189 -5.42 37.36 17.33
CA HIS C 189 -6.11 36.94 16.11
C HIS C 189 -7.54 36.48 16.39
N LYS C 190 -8.33 36.37 15.35
CA LYS C 190 -9.76 36.14 15.54
C LYS C 190 -10.25 34.81 14.99
N VAL C 191 -10.00 34.56 13.72
CA VAL C 191 -10.59 33.41 13.06
C VAL C 191 -9.65 32.23 12.99
N TYR C 192 -10.01 31.16 13.68
CA TYR C 192 -9.22 29.93 13.66
C TYR C 192 -9.91 28.86 12.82
N ALA C 193 -9.14 28.17 12.00
CA ALA C 193 -9.71 27.26 11.03
C ALA C 193 -8.81 26.08 10.77
N CYS C 194 -9.42 24.94 10.54
CA CYS C 194 -8.65 23.84 9.97
C CYS C 194 -9.36 23.37 8.74
N GLU C 195 -8.60 23.24 7.66
CA GLU C 195 -9.14 22.81 6.39
C GLU C 195 -8.68 21.39 6.20
N VAL C 196 -9.56 20.56 5.66
CA VAL C 196 -9.23 19.17 5.53
C VAL C 196 -9.41 18.72 4.09
N THR C 197 -8.39 18.07 3.54
CA THR C 197 -8.52 17.42 2.24
C THR C 197 -8.31 15.93 2.41
N HIS C 198 -9.09 15.14 1.68
CA HIS C 198 -9.05 13.70 1.80
C HIS C 198 -9.74 13.10 0.58
N GLN C 199 -9.31 11.90 0.20
CA GLN C 199 -9.89 11.20 -0.95
C GLN C 199 -11.43 11.15 -0.96
N GLY C 200 -12.03 10.95 0.20
CA GLY C 200 -13.47 10.95 0.32
C GLY C 200 -14.11 12.33 0.34
N LEU C 201 -13.32 13.37 0.10
CA LEU C 201 -13.90 14.71 0.00
C LEU C 201 -13.81 15.31 -1.41
N SER C 202 -14.97 15.63 -1.99
CA SER C 202 -15.03 16.22 -3.32
C SER C 202 -14.40 17.61 -3.29
N SER C 203 -14.65 18.35 -2.21
CA SER C 203 -14.03 19.64 -2.00
C SER C 203 -13.65 19.73 -0.51
N PRO C 204 -12.70 20.61 -0.14
CA PRO C 204 -12.20 20.60 1.24
C PRO C 204 -13.29 20.92 2.25
N VAL C 205 -13.10 20.49 3.49
CA VAL C 205 -14.04 20.83 4.54
C VAL C 205 -13.35 21.71 5.57
N THR C 206 -14.03 22.79 5.96
CA THR C 206 -13.45 23.73 6.89
C THR C 206 -14.33 23.84 8.15
N LYS C 207 -13.69 23.85 9.31
CA LYS C 207 -14.39 24.02 10.54
C LYS C 207 -13.65 25.14 11.24
N SER C 208 -14.36 26.05 11.87
CA SER C 208 -13.71 27.21 12.47
C SER C 208 -14.40 27.72 13.73
N PHE C 209 -13.72 28.60 14.47
CA PHE C 209 -14.36 29.30 15.55
C PHE C 209 -13.75 30.68 15.58
N ASN C 210 -14.49 31.66 16.09
CA ASN C 210 -13.95 32.98 16.38
C ASN C 210 -13.57 33.05 17.85
N ARG C 211 -12.32 33.38 18.13
CA ARG C 211 -11.88 33.54 19.51
C ARG C 211 -12.79 34.54 20.21
N GLY C 212 -13.33 34.16 21.36
CA GLY C 212 -14.18 35.05 22.13
C GLY C 212 -15.65 34.88 21.81
N ALA C 213 -15.99 34.89 20.52
CA ALA C 213 -17.36 34.72 20.09
C ALA C 213 -17.93 33.41 20.61
N GLN D 1 -7.23 -19.05 36.84
CA GLN D 1 -6.77 -17.93 36.04
C GLN D 1 -5.26 -17.70 36.14
N VAL D 2 -4.50 -18.16 35.14
CA VAL D 2 -3.05 -17.89 35.07
C VAL D 2 -2.74 -16.44 34.67
N GLN D 3 -2.05 -15.69 35.54
CA GLN D 3 -1.73 -14.30 35.23
C GLN D 3 -0.34 -13.87 35.70
N LEU D 4 0.30 -13.01 34.90
CA LEU D 4 1.56 -12.38 35.29
C LEU D 4 1.35 -10.87 35.28
N LYS D 5 1.67 -10.21 36.39
CA LYS D 5 1.49 -8.76 36.52
C LYS D 5 2.80 -8.08 36.90
N GLN D 6 3.19 -7.09 36.11
CA GLN D 6 4.51 -6.50 36.29
C GLN D 6 4.43 -5.18 37.03
N SER D 7 5.55 -4.71 37.56
CA SER D 7 5.57 -3.40 38.21
C SER D 7 5.45 -2.28 37.16
N GLY D 8 5.10 -1.09 37.61
CA GLY D 8 4.79 0.02 36.73
C GLY D 8 5.91 0.54 35.83
N PRO D 9 5.55 1.32 34.81
CA PRO D 9 6.52 1.90 33.88
C PRO D 9 7.29 3.03 34.55
N GLY D 10 8.40 3.43 33.94
CA GLY D 10 9.16 4.52 34.49
C GLY D 10 10.46 4.82 33.81
N LEU D 11 11.05 5.91 34.25
CA LEU D 11 12.29 6.44 33.72
C LEU D 11 13.48 5.83 34.46
N VAL D 12 14.56 5.56 33.74
CA VAL D 12 15.82 5.14 34.37
C VAL D 12 16.98 5.96 33.77
N GLN D 13 17.83 6.50 34.63
CA GLN D 13 18.94 7.33 34.17
C GLN D 13 19.99 6.49 33.45
N PRO D 14 20.59 7.06 32.39
CA PRO D 14 21.69 6.38 31.70
C PRO D 14 22.74 5.87 32.68
N SER D 15 23.21 4.66 32.44
CA SER D 15 24.13 3.94 33.31
C SER D 15 23.55 3.36 34.61
N GLN D 16 22.35 3.79 35.01
CA GLN D 16 21.71 3.17 36.19
C GLN D 16 21.08 1.82 35.84
N SER D 17 20.52 1.15 36.84
CA SER D 17 19.98 -0.19 36.66
C SER D 17 18.47 -0.17 36.50
N LEU D 18 17.92 -1.27 35.98
CA LEU D 18 16.49 -1.38 35.75
C LEU D 18 15.96 -2.54 36.57
N SER D 19 14.91 -2.31 37.34
CA SER D 19 14.33 -3.35 38.17
C SER D 19 12.85 -3.53 37.95
N ILE D 20 12.47 -4.69 37.43
CA ILE D 20 11.06 -5.02 37.24
C ILE D 20 10.68 -6.22 38.08
N THR D 21 9.52 -6.16 38.71
CA THR D 21 8.97 -7.29 39.43
C THR D 21 7.81 -7.94 38.68
N CYS D 22 7.92 -9.25 38.46
CA CYS D 22 6.81 -10.03 37.92
C CYS D 22 6.16 -10.85 39.01
N THR D 23 4.84 -10.71 39.14
CA THR D 23 4.08 -11.34 40.20
C THR D 23 3.06 -12.30 39.59
N VAL D 24 3.23 -13.59 39.79
CA VAL D 24 2.36 -14.55 39.14
C VAL D 24 1.26 -15.10 40.06
N SER D 25 0.22 -15.64 39.44
CA SER D 25 -0.87 -16.29 40.15
C SER D 25 -1.53 -17.29 39.21
N GLY D 26 -2.04 -18.40 39.75
CA GLY D 26 -2.67 -19.42 38.94
C GLY D 26 -1.74 -20.57 38.63
N PHE D 27 -0.54 -20.51 39.20
CA PHE D 27 0.49 -21.55 39.04
C PHE D 27 1.64 -21.20 39.97
N SER D 28 2.48 -22.18 40.26
CA SER D 28 3.59 -21.96 41.17
C SER D 28 4.93 -21.78 40.46
N LEU D 29 5.79 -20.94 41.03
CA LEU D 29 7.09 -20.71 40.45
C LEU D 29 7.95 -21.95 40.59
N THR D 30 7.55 -22.83 41.50
CA THR D 30 8.24 -24.12 41.66
C THR D 30 7.89 -25.11 40.56
N ASN D 31 6.86 -24.82 39.77
CA ASN D 31 6.45 -25.69 38.67
C ASN D 31 6.74 -25.18 37.26
N TYR D 32 6.92 -23.88 37.09
CA TYR D 32 7.18 -23.30 35.75
C TYR D 32 8.32 -22.29 35.75
N GLY D 33 9.10 -22.28 34.69
CA GLY D 33 10.08 -21.22 34.51
C GLY D 33 9.40 -19.93 34.14
N VAL D 34 10.03 -18.80 34.43
CA VAL D 34 9.51 -17.51 33.99
C VAL D 34 10.56 -16.82 33.12
N HIS D 35 10.16 -16.45 31.91
CA HIS D 35 11.09 -15.86 30.95
C HIS D 35 10.94 -14.36 30.90
N TRP D 36 11.93 -13.68 30.33
CA TRP D 36 11.83 -12.25 30.08
C TRP D 36 12.15 -11.93 28.62
N VAL D 37 11.24 -11.19 28.01
CA VAL D 37 11.36 -10.76 26.63
C VAL D 37 11.18 -9.24 26.60
N ARG D 38 11.92 -8.57 25.73
CA ARG D 38 11.71 -7.15 25.54
C ARG D 38 11.40 -6.83 24.07
N GLN D 39 10.71 -5.73 23.85
CA GLN D 39 10.39 -5.27 22.51
C GLN D 39 10.94 -3.86 22.32
N SER D 40 12.05 -3.73 21.59
CA SER D 40 12.68 -2.42 21.42
C SER D 40 12.38 -1.84 20.05
N PRO D 41 12.38 -0.51 19.95
CA PRO D 41 12.07 0.15 18.67
C PRO D 41 12.96 -0.34 17.53
N GLY D 42 14.23 -0.58 17.81
CA GLY D 42 15.17 -1.00 16.78
C GLY D 42 15.15 -2.49 16.47
N LYS D 43 15.30 -3.32 17.51
CA LYS D 43 15.49 -4.76 17.32
C LYS D 43 14.26 -5.62 17.57
N GLY D 44 13.10 -5.01 17.75
CA GLY D 44 11.88 -5.77 17.91
C GLY D 44 11.91 -6.70 19.11
N LEU D 45 11.34 -7.89 18.94
CA LEU D 45 11.23 -8.86 20.02
C LEU D 45 12.52 -9.63 20.30
N GLU D 46 12.90 -9.68 21.58
CA GLU D 46 14.21 -10.18 21.95
C GLU D 46 14.13 -10.96 23.26
N TRP D 47 14.47 -12.24 23.21
CA TRP D 47 14.47 -13.07 24.40
C TRP D 47 15.67 -12.70 25.25
N LEU D 48 15.45 -12.54 26.56
CA LEU D 48 16.48 -12.01 27.43
C LEU D 48 17.04 -13.05 28.39
N GLY D 49 16.14 -13.75 29.07
CA GLY D 49 16.56 -14.74 30.06
C GLY D 49 15.42 -15.56 30.60
N VAL D 50 15.76 -16.53 31.44
CA VAL D 50 14.78 -17.37 32.10
C VAL D 50 15.31 -17.76 33.47
N ILE D 51 14.40 -17.84 34.45
CA ILE D 51 14.68 -18.52 35.70
C ILE D 51 13.76 -19.74 35.78
N TRP D 52 14.37 -20.91 35.91
CA TRP D 52 13.64 -22.17 35.90
C TRP D 52 13.10 -22.53 37.27
N SER D 53 12.24 -23.54 37.31
CA SER D 53 11.58 -24.00 38.53
C SER D 53 12.52 -24.14 39.71
N GLY D 54 13.65 -24.81 39.49
CA GLY D 54 14.62 -25.05 40.54
C GLY D 54 15.60 -23.93 40.82
N GLY D 55 15.41 -22.77 40.20
CA GLY D 55 16.23 -21.62 40.51
C GLY D 55 17.38 -21.36 39.55
N ASN D 56 17.68 -22.31 38.67
CA ASN D 56 18.67 -22.08 37.61
C ASN D 56 18.26 -20.93 36.69
N THR D 57 19.24 -20.22 36.13
CA THR D 57 18.94 -19.16 35.18
C THR D 57 19.80 -19.30 33.94
N ASP D 58 19.21 -18.99 32.80
CA ASP D 58 19.93 -18.81 31.56
C ASP D 58 19.75 -17.37 31.13
N TYR D 59 20.78 -16.76 30.57
CA TYR D 59 20.67 -15.42 30.00
C TYR D 59 21.09 -15.41 28.54
N ASN D 60 20.39 -14.64 27.71
CA ASN D 60 20.82 -14.52 26.34
C ASN D 60 22.19 -13.86 26.31
N THR D 61 23.09 -14.41 25.49
CA THR D 61 24.51 -14.06 25.47
C THR D 61 24.86 -12.55 25.61
N PRO D 62 24.23 -11.67 24.81
CA PRO D 62 24.62 -10.25 24.98
C PRO D 62 24.15 -9.64 26.28
N PHE D 63 23.58 -10.41 27.20
CA PHE D 63 23.11 -9.84 28.46
C PHE D 63 23.73 -10.50 29.68
N THR D 64 24.47 -11.60 29.45
CA THR D 64 24.99 -12.43 30.53
C THR D 64 25.71 -11.67 31.63
N SER D 65 26.39 -10.59 31.26
CA SER D 65 27.18 -9.85 32.23
C SER D 65 26.49 -8.61 32.80
N ARG D 66 25.21 -8.45 32.54
CA ARG D 66 24.53 -7.30 33.11
C ARG D 66 23.10 -7.57 33.54
N LEU D 67 22.75 -8.85 33.57
CA LEU D 67 21.37 -9.23 33.87
C LEU D 67 21.34 -10.22 35.02
N SER D 68 20.38 -10.07 35.91
CA SER D 68 20.20 -11.04 36.95
C SER D 68 18.71 -11.26 37.17
N ILE D 69 18.33 -12.52 37.30
CA ILE D 69 16.94 -12.87 37.51
C ILE D 69 16.85 -13.73 38.75
N ASN D 70 16.05 -13.28 39.71
CA ASN D 70 15.87 -13.99 40.96
C ASN D 70 14.39 -14.19 41.24
N LYS D 71 14.08 -15.01 42.24
CA LYS D 71 12.69 -15.16 42.63
C LYS D 71 12.52 -15.50 44.10
N ASP D 72 11.29 -15.38 44.56
CA ASP D 72 10.88 -15.79 45.89
C ASP D 72 9.68 -16.67 45.63
N ASN D 73 9.87 -17.98 45.76
CA ASN D 73 8.79 -18.92 45.45
C ASN D 73 7.54 -18.69 46.28
N SER D 74 7.73 -18.38 47.56
CA SER D 74 6.61 -18.18 48.50
C SER D 74 5.76 -16.96 48.18
N LYS D 75 6.43 -15.86 47.80
CA LYS D 75 5.72 -14.63 47.44
C LYS D 75 5.21 -14.61 46.00
N SER D 76 5.49 -15.68 45.24
CA SER D 76 5.00 -15.81 43.87
C SER D 76 5.54 -14.68 42.99
N GLN D 77 6.74 -14.21 43.32
CA GLN D 77 7.36 -13.09 42.63
C GLN D 77 8.71 -13.42 41.98
N VAL D 78 8.90 -12.95 40.75
CA VAL D 78 10.17 -13.03 40.04
C VAL D 78 10.80 -11.64 39.88
N PHE D 79 12.11 -11.53 40.10
CA PHE D 79 12.80 -10.25 40.06
C PHE D 79 13.81 -10.12 38.91
N PHE D 80 13.56 -9.16 38.03
CA PHE D 80 14.40 -8.89 36.87
C PHE D 80 15.23 -7.66 37.18
N LYS D 81 16.54 -7.75 37.00
CA LYS D 81 17.40 -6.60 37.19
C LYS D 81 18.45 -6.52 36.09
N MET D 82 18.61 -5.34 35.48
CA MET D 82 19.57 -5.15 34.40
C MET D 82 20.42 -3.90 34.59
N ASN D 83 21.73 -4.06 34.48
CA ASN D 83 22.67 -3.00 34.83
C ASN D 83 23.11 -2.14 33.65
N SER D 84 23.51 -0.92 33.98
CA SER D 84 24.09 0.01 33.02
C SER D 84 23.26 0.16 31.76
N LEU D 85 22.08 0.78 31.89
CA LEU D 85 21.19 0.96 30.76
C LEU D 85 21.64 2.12 29.88
N GLN D 86 21.68 1.87 28.58
CA GLN D 86 21.95 2.94 27.64
C GLN D 86 20.64 3.34 26.99
N SER D 87 20.68 4.45 26.27
CA SER D 87 19.53 4.94 25.56
C SER D 87 18.78 3.85 24.80
N ASN D 88 19.49 2.99 24.08
CA ASN D 88 18.80 1.97 23.29
C ASN D 88 18.26 0.78 24.09
N ASP D 89 18.28 0.87 25.42
CA ASP D 89 17.68 -0.17 26.24
C ASP D 89 16.24 0.23 26.56
N THR D 90 15.84 1.39 26.02
CA THR D 90 14.46 1.84 26.02
C THR D 90 13.64 0.82 25.26
N ALA D 91 12.66 0.24 25.93
CA ALA D 91 11.88 -0.86 25.36
C ALA D 91 10.71 -1.21 26.25
N ILE D 92 9.82 -2.07 25.75
CA ILE D 92 8.82 -2.67 26.61
C ILE D 92 9.33 -4.03 27.06
N TYR D 93 9.44 -4.21 28.39
CA TYR D 93 9.92 -5.46 28.98
C TYR D 93 8.78 -6.34 29.46
N TYR D 94 8.76 -7.59 29.02
CA TYR D 94 7.70 -8.53 29.41
C TYR D 94 8.26 -9.69 30.22
N CYS D 95 7.48 -10.16 31.18
CA CYS D 95 7.73 -11.48 31.71
C CYS D 95 6.72 -12.43 31.05
N ALA D 96 7.10 -13.69 30.89
CA ALA D 96 6.27 -14.65 30.19
C ALA D 96 6.39 -16.10 30.73
N ARG D 97 5.32 -16.87 30.57
CA ARG D 97 5.32 -18.28 30.97
C ARG D 97 5.01 -19.16 29.77
N ALA D 98 5.74 -20.27 29.64
CA ALA D 98 5.49 -21.23 28.58
C ALA D 98 4.30 -22.12 28.93
N LEU D 99 3.75 -22.82 27.93
CA LEU D 99 2.69 -23.80 28.19
C LEU D 99 3.21 -24.92 29.07
N THR D 100 4.53 -25.12 28.98
CA THR D 100 5.18 -26.31 29.51
C THR D 100 6.37 -25.91 30.38
N TYR D 101 6.61 -26.66 31.45
CA TYR D 101 7.66 -26.29 32.39
C TYR D 101 9.04 -26.09 31.72
N TYR D 102 9.32 -26.88 30.69
CA TYR D 102 10.65 -26.90 30.07
C TYR D 102 10.72 -26.13 28.74
N ASP D 103 9.57 -25.73 28.22
CA ASP D 103 9.51 -25.24 26.84
C ASP D 103 9.58 -23.71 26.71
N TYR D 104 9.49 -23.23 25.47
CA TYR D 104 9.65 -21.82 25.20
C TYR D 104 8.47 -21.21 24.43
N GLU D 105 7.35 -21.91 24.37
CA GLU D 105 6.20 -21.38 23.65
C GLU D 105 5.33 -20.57 24.62
N PHE D 106 5.38 -19.25 24.43
CA PHE D 106 4.89 -18.31 25.45
C PHE D 106 3.40 -18.07 25.35
N ALA D 107 2.65 -18.84 26.13
CA ALA D 107 1.20 -18.74 26.14
C ALA D 107 0.68 -17.65 27.09
N TYR D 108 1.46 -17.32 28.11
CA TYR D 108 1.03 -16.34 29.11
C TYR D 108 2.03 -15.20 29.26
N TRP D 109 1.55 -13.96 29.12
CA TRP D 109 2.43 -12.78 29.20
C TRP D 109 2.02 -11.82 30.29
N GLY D 110 2.99 -11.04 30.76
CA GLY D 110 2.70 -9.91 31.63
C GLY D 110 2.17 -8.77 30.78
N GLN D 111 1.74 -7.68 31.39
CA GLN D 111 1.20 -6.56 30.61
C GLN D 111 2.30 -5.73 29.98
N GLY D 112 3.54 -5.98 30.41
CA GLY D 112 4.69 -5.27 29.90
C GLY D 112 4.97 -3.99 30.67
N THR D 113 6.24 -3.65 30.80
CA THR D 113 6.63 -2.44 31.52
C THR D 113 7.42 -1.57 30.57
N LEU D 114 6.85 -0.43 30.17
CA LEU D 114 7.55 0.50 29.27
C LEU D 114 8.63 1.23 30.06
N VAL D 115 9.86 1.04 29.64
CA VAL D 115 11.02 1.57 30.36
C VAL D 115 11.75 2.57 29.47
N THR D 116 11.86 3.80 29.95
CA THR D 116 12.51 4.85 29.18
C THR D 116 13.87 5.15 29.80
N VAL D 117 14.89 5.24 28.96
CA VAL D 117 16.21 5.65 29.42
C VAL D 117 16.48 7.06 28.95
N SER D 118 16.58 7.98 29.90
CA SER D 118 16.81 9.38 29.60
C SER D 118 17.38 10.05 30.82
N ALA D 119 18.16 11.11 30.60
CA ALA D 119 18.68 11.93 31.68
C ALA D 119 17.62 12.92 32.19
N ALA D 120 16.55 13.09 31.43
CA ALA D 120 15.44 14.00 31.78
C ALA D 120 14.74 13.69 33.12
N SER D 121 13.84 14.58 33.53
CA SER D 121 13.08 14.39 34.77
C SER D 121 11.68 13.90 34.46
N THR D 122 11.06 13.27 35.43
CA THR D 122 9.68 12.83 35.32
C THR D 122 8.77 14.03 35.52
N LYS D 123 7.68 14.09 34.76
CA LYS D 123 6.75 15.21 34.86
C LYS D 123 5.32 14.77 34.60
N GLY D 124 4.42 15.05 35.55
CA GLY D 124 3.02 14.75 35.37
C GLY D 124 2.41 15.65 34.32
N PRO D 125 1.32 15.20 33.68
CA PRO D 125 0.73 16.00 32.62
C PRO D 125 -0.28 17.01 33.17
N SER D 126 -0.61 18.00 32.36
CA SER D 126 -1.75 18.86 32.63
C SER D 126 -2.88 18.34 31.74
N VAL D 127 -4.10 18.30 32.28
CA VAL D 127 -5.24 17.83 31.51
C VAL D 127 -6.20 18.97 31.23
N PHE D 128 -6.57 19.13 29.97
CA PHE D 128 -7.44 20.21 29.54
C PHE D 128 -8.57 19.61 28.75
N PRO D 129 -9.77 20.23 28.82
CA PRO D 129 -10.96 19.77 28.12
C PRO D 129 -10.91 20.08 26.63
N LEU D 130 -11.36 19.16 25.79
CA LEU D 130 -11.64 19.47 24.39
C LEU D 130 -13.14 19.50 24.26
N ALA D 131 -13.69 20.70 24.33
CA ALA D 131 -15.12 20.89 24.49
C ALA D 131 -15.78 21.47 23.26
N PRO D 132 -16.95 20.94 22.92
CA PRO D 132 -17.82 21.46 21.85
C PRO D 132 -18.58 22.70 22.31
N GLY D 140 -26.45 15.53 14.80
CA GLY D 140 -26.38 15.90 16.20
C GLY D 140 -25.39 15.06 16.99
N THR D 141 -24.23 14.79 16.37
CA THR D 141 -23.15 14.11 17.08
C THR D 141 -22.14 15.14 17.52
N ALA D 142 -21.74 15.08 18.78
CA ALA D 142 -20.73 15.97 19.28
C ALA D 142 -19.44 15.19 19.54
N ALA D 143 -18.31 15.90 19.54
CA ALA D 143 -17.05 15.28 19.89
C ALA D 143 -16.57 15.96 21.14
N LEU D 144 -15.97 15.19 22.02
CA LEU D 144 -15.52 15.67 23.31
C LEU D 144 -14.16 15.08 23.48
N GLY D 145 -13.30 15.75 24.24
CA GLY D 145 -12.00 15.17 24.49
C GLY D 145 -11.21 15.73 25.63
N CYS D 146 -10.02 15.15 25.82
CA CYS D 146 -9.07 15.57 26.84
C CYS D 146 -7.68 15.71 26.23
N LEU D 147 -7.04 16.83 26.54
CA LEU D 147 -5.69 17.11 26.07
C LEU D 147 -4.74 16.84 27.22
N VAL D 148 -3.96 15.79 27.07
CA VAL D 148 -3.03 15.37 28.11
C VAL D 148 -1.65 15.86 27.70
N LYS D 149 -1.20 16.91 28.37
CA LYS D 149 -0.11 17.72 27.84
C LYS D 149 1.08 17.87 28.78
N ASP D 150 2.27 17.79 28.19
CA ASP D 150 3.54 18.12 28.85
C ASP D 150 3.87 17.16 29.97
N TYR D 151 3.92 15.87 29.65
CA TYR D 151 4.34 14.88 30.59
C TYR D 151 5.56 14.13 30.06
N PHE D 152 6.29 13.50 30.98
CA PHE D 152 7.41 12.66 30.64
C PHE D 152 7.66 11.68 31.80
N PRO D 153 7.98 10.43 31.48
CA PRO D 153 8.02 9.86 30.13
C PRO D 153 6.69 9.24 29.77
N GLU D 154 6.65 8.54 28.64
CA GLU D 154 5.53 7.67 28.32
C GLU D 154 5.51 6.54 29.37
N PRO D 155 4.35 5.87 29.54
CA PRO D 155 3.05 6.14 28.92
C PRO D 155 2.07 6.81 29.88
N VAL D 156 0.94 7.23 29.34
CA VAL D 156 -0.14 7.69 30.18
C VAL D 156 -1.34 6.88 29.74
N THR D 157 -2.23 6.52 30.65
CA THR D 157 -3.43 5.81 30.23
C THR D 157 -4.64 6.69 30.45
N VAL D 158 -5.61 6.56 29.54
CA VAL D 158 -6.82 7.35 29.58
C VAL D 158 -8.03 6.48 29.37
N SER D 159 -9.01 6.61 30.25
CA SER D 159 -10.26 5.90 30.06
C SER D 159 -11.35 6.94 30.20
N TRP D 160 -12.58 6.57 29.86
CA TRP D 160 -13.71 7.47 30.02
C TRP D 160 -14.79 6.85 30.91
N ASN D 161 -15.34 7.67 31.81
CA ASN D 161 -16.41 7.26 32.72
C ASN D 161 -16.06 5.99 33.48
N SER D 162 -14.85 5.99 34.05
CA SER D 162 -14.30 4.84 34.75
C SER D 162 -14.34 3.52 33.97
N GLY D 163 -14.31 3.59 32.66
CA GLY D 163 -14.28 2.39 31.84
C GLY D 163 -15.63 2.05 31.21
N ALA D 164 -16.70 2.65 31.72
CA ALA D 164 -18.05 2.36 31.23
C ALA D 164 -18.25 2.81 29.81
N LEU D 165 -17.38 3.68 29.32
CA LEU D 165 -17.55 4.32 28.01
C LEU D 165 -16.37 4.00 27.11
N THR D 166 -16.59 3.08 26.19
CA THR D 166 -15.53 2.65 25.29
C THR D 166 -15.89 2.92 23.84
N SER D 167 -17.19 2.93 23.57
CA SER D 167 -17.66 3.05 22.21
C SER D 167 -17.45 4.45 21.61
N GLY D 168 -16.74 4.50 20.49
CA GLY D 168 -16.46 5.78 19.84
C GLY D 168 -15.35 6.57 20.52
N VAL D 169 -14.66 5.92 21.47
CA VAL D 169 -13.47 6.50 22.08
C VAL D 169 -12.27 6.30 21.16
N HIS D 170 -11.50 7.35 20.94
CA HIS D 170 -10.21 7.24 20.26
C HIS D 170 -9.19 7.91 21.13
N THR D 171 -8.18 7.15 21.53
CA THR D 171 -7.06 7.70 22.27
C THR D 171 -5.84 7.65 21.39
N PHE D 172 -5.32 8.83 21.06
CA PHE D 172 -4.27 8.91 20.07
C PHE D 172 -2.88 8.54 20.61
N PRO D 173 -1.98 8.11 19.72
CA PRO D 173 -0.60 7.89 20.17
C PRO D 173 -0.02 9.22 20.58
N ALA D 174 0.68 9.25 21.72
CA ALA D 174 1.42 10.44 22.15
C ALA D 174 2.39 10.95 21.07
N VAL D 175 2.51 12.26 20.98
CA VAL D 175 3.57 12.85 20.17
C VAL D 175 4.64 13.47 21.07
N LEU D 176 5.88 13.40 20.60
CA LEU D 176 6.98 14.09 21.23
C LEU D 176 7.02 15.56 20.76
N GLN D 177 6.89 16.48 21.69
CA GLN D 177 6.91 17.91 21.39
C GLN D 177 8.33 18.42 21.27
N SER D 178 8.53 19.58 20.65
CA SER D 178 9.86 20.12 20.47
C SER D 178 10.50 20.38 21.83
N SER D 179 9.66 20.51 22.84
CA SER D 179 10.11 20.75 24.21
C SER D 179 10.68 19.48 24.84
N GLY D 180 10.40 18.33 24.23
CA GLY D 180 10.84 17.05 24.80
C GLY D 180 9.81 16.38 25.71
N LEU D 181 8.72 17.06 25.97
CA LEU D 181 7.63 16.50 26.75
C LEU D 181 6.63 15.87 25.79
N TYR D 182 5.84 14.90 26.26
CA TYR D 182 4.82 14.32 25.38
C TYR D 182 3.48 15.03 25.51
N SER D 183 2.64 14.81 24.51
CA SER D 183 1.28 15.28 24.55
C SER D 183 0.43 14.23 23.88
N LEU D 184 -0.80 14.04 24.35
CA LEU D 184 -1.78 13.24 23.61
C LEU D 184 -3.17 13.74 23.82
N SER D 185 -4.07 13.29 22.97
CA SER D 185 -5.47 13.61 23.11
C SER D 185 -6.26 12.32 23.08
N SER D 186 -7.40 12.34 23.77
CA SER D 186 -8.36 11.28 23.73
C SER D 186 -9.71 11.91 23.50
N VAL D 187 -10.43 11.42 22.49
CA VAL D 187 -11.74 11.93 22.18
C VAL D 187 -12.80 10.83 22.14
N VAL D 188 -14.04 11.24 22.17
CA VAL D 188 -15.15 10.33 22.08
C VAL D 188 -16.26 11.12 21.41
N THR D 189 -17.09 10.41 20.66
CA THR D 189 -18.24 11.06 20.06
C THR D 189 -19.49 10.61 20.80
N VAL D 190 -20.38 11.57 21.05
CA VAL D 190 -21.59 11.32 21.81
C VAL D 190 -22.79 12.03 21.22
N PRO D 191 -24.00 11.54 21.50
CA PRO D 191 -25.19 12.29 21.06
C PRO D 191 -25.19 13.66 21.70
N SER D 192 -25.29 14.71 20.90
CA SER D 192 -25.15 16.05 21.48
C SER D 192 -26.25 16.36 22.50
N SER D 193 -27.38 15.66 22.43
CA SER D 193 -28.46 15.92 23.38
C SER D 193 -28.25 15.27 24.75
N SER D 194 -27.15 14.54 24.90
CA SER D 194 -26.81 13.99 26.20
C SER D 194 -25.79 14.86 26.97
N LEU D 195 -25.30 15.92 26.33
CA LEU D 195 -24.30 16.78 26.95
C LEU D 195 -24.77 17.47 28.23
N GLY D 196 -26.07 17.61 28.37
CA GLY D 196 -26.63 18.31 29.52
C GLY D 196 -26.86 17.39 30.69
N THR D 197 -27.36 16.19 30.42
CA THR D 197 -27.78 15.27 31.49
C THR D 197 -26.77 14.20 31.85
N GLN D 198 -25.88 13.87 30.92
CA GLN D 198 -24.91 12.79 31.14
C GLN D 198 -23.49 13.33 31.32
N THR D 199 -22.80 12.90 32.36
CA THR D 199 -21.46 13.42 32.59
C THR D 199 -20.42 12.59 31.84
N TYR D 200 -19.40 13.28 31.33
CA TYR D 200 -18.31 12.64 30.60
C TYR D 200 -16.99 12.99 31.26
N ILE D 201 -16.36 11.99 31.82
CA ILE D 201 -15.11 12.21 32.51
C ILE D 201 -14.00 11.44 31.84
N CYS D 202 -12.88 12.10 31.56
CA CYS D 202 -11.73 11.32 31.17
C CYS D 202 -10.88 11.06 32.40
N ASN D 203 -10.41 9.81 32.51
CA ASN D 203 -9.63 9.37 33.64
C ASN D 203 -8.19 9.22 33.20
N VAL D 204 -7.40 10.20 33.57
CA VAL D 204 -6.01 10.22 33.16
C VAL D 204 -5.13 9.74 34.29
N ASN D 205 -4.25 8.80 33.97
CA ASN D 205 -3.30 8.30 34.94
C ASN D 205 -1.92 8.22 34.32
N HIS D 206 -1.00 8.99 34.88
CA HIS D 206 0.40 8.93 34.49
C HIS D 206 1.15 8.23 35.61
N LYS D 207 1.30 6.91 35.50
CA LYS D 207 1.94 6.13 36.57
C LYS D 207 3.40 6.47 36.92
N PRO D 208 4.25 6.80 35.91
CA PRO D 208 5.62 7.16 36.27
C PRO D 208 5.73 8.35 37.23
N SER D 209 4.72 9.22 37.28
CA SER D 209 4.77 10.37 38.17
C SER D 209 3.68 10.29 39.24
N ASN D 210 3.03 9.13 39.34
CA ASN D 210 1.87 8.98 40.24
C ASN D 210 0.77 10.07 40.12
N THR D 211 0.65 10.70 38.96
CA THR D 211 -0.39 11.72 38.75
C THR D 211 -1.66 11.11 38.19
N LYS D 212 -2.76 11.28 38.91
CA LYS D 212 -4.08 10.85 38.45
C LYS D 212 -5.06 12.03 38.40
N VAL D 213 -5.74 12.18 37.26
CA VAL D 213 -6.70 13.25 37.09
C VAL D 213 -7.99 12.72 36.49
N ASP D 214 -9.11 13.07 37.12
CA ASP D 214 -10.42 12.84 36.55
C ASP D 214 -10.93 14.18 36.07
N LYS D 215 -11.19 14.29 34.77
CA LYS D 215 -11.58 15.56 34.18
C LYS D 215 -12.94 15.46 33.53
N ARG D 216 -13.85 16.34 33.93
CA ARG D 216 -15.16 16.41 33.30
C ARG D 216 -15.05 17.33 32.09
N VAL D 217 -15.70 16.96 30.99
CA VAL D 217 -15.62 17.74 29.77
C VAL D 217 -17.03 18.06 29.31
N GLU D 218 -17.33 19.35 29.18
CA GLU D 218 -18.67 19.79 28.81
C GLU D 218 -18.52 21.06 28.00
N PRO D 219 -19.58 21.46 27.26
CA PRO D 219 -19.46 22.68 26.45
C PRO D 219 -19.30 23.90 27.31
N LYS D 220 -18.39 24.81 26.94
CA LYS D 220 -18.09 26.01 27.72
C LYS D 220 -19.19 27.09 27.59
N CYS E 1 -7.18 -9.27 -8.36
CA CYS E 1 -7.18 -8.02 -9.11
C CYS E 1 -7.87 -8.15 -10.48
N GLN E 2 -7.59 -7.20 -11.36
CA GLN E 2 -8.11 -7.21 -12.72
C GLN E 2 -7.00 -6.91 -13.72
N HIS E 3 -7.01 -7.61 -14.84
CA HIS E 3 -5.96 -7.45 -15.84
C HIS E 3 -6.40 -6.49 -16.94
N ASP E 4 -5.74 -5.34 -17.02
CA ASP E 4 -6.10 -4.25 -17.93
C ASP E 4 -5.40 -4.43 -19.27
N LEU E 5 -6.18 -4.61 -20.34
CA LEU E 5 -5.63 -4.92 -21.66
C LEU E 5 -5.01 -3.72 -22.35
N SER E 6 -5.33 -2.52 -21.87
CA SER E 6 -4.72 -1.30 -22.41
C SER E 6 -3.27 -1.16 -21.95
N THR E 7 -3.05 -1.27 -20.63
CA THR E 7 -1.71 -1.06 -20.07
C THR E 7 -0.95 -2.36 -19.88
N ARG E 8 -1.66 -3.47 -19.98
CA ARG E 8 -1.07 -4.78 -19.68
C ARG E 8 -0.58 -4.84 -18.24
N ARG E 9 -1.25 -4.12 -17.36
CA ARG E 9 -0.88 -4.10 -15.96
C ARG E 9 -2.07 -4.45 -15.10
N LEU E 10 -1.80 -4.96 -13.91
CA LEU E 10 -2.85 -5.22 -12.95
C LEU E 10 -3.47 -3.90 -12.53
N LYS E 11 -4.76 -3.94 -12.30
CA LYS E 11 -5.49 -2.75 -11.91
C LYS E 11 -6.37 -3.14 -10.73
N CYS E 12 -6.27 -2.39 -9.64
CA CYS E 12 -7.05 -2.69 -8.45
C CYS E 12 -7.98 -1.52 -8.11
N CYS F 1 10.08 -2.32 8.87
CA CYS F 1 9.35 -1.24 9.54
C CYS F 1 9.92 -0.91 10.93
N GLN F 2 9.20 -0.07 11.67
CA GLN F 2 9.66 0.36 13.00
C GLN F 2 8.71 -0.04 14.12
N HIS F 3 9.27 -0.33 15.29
CA HIS F 3 8.51 -0.81 16.43
C HIS F 3 8.18 0.31 17.41
N ASP F 4 6.90 0.69 17.45
CA ASP F 4 6.43 1.83 18.23
C ASP F 4 6.05 1.46 19.65
N LEU F 5 6.80 1.97 20.62
CA LEU F 5 6.55 1.68 22.04
C LEU F 5 5.26 2.29 22.58
N SER F 6 4.73 3.29 21.87
CA SER F 6 3.49 3.94 22.29
C SER F 6 2.30 3.05 22.00
N THR F 7 2.26 2.46 20.82
CA THR F 7 1.11 1.71 20.36
C THR F 7 1.33 0.19 20.42
N ARG F 8 2.58 -0.21 20.63
CA ARG F 8 2.98 -1.61 20.53
C ARG F 8 2.67 -2.14 19.14
N ARG F 9 2.65 -1.26 18.16
CA ARG F 9 2.40 -1.66 16.78
C ARG F 9 3.54 -1.35 15.85
N LEU F 10 3.69 -2.15 14.80
CA LEU F 10 4.60 -1.84 13.72
C LEU F 10 4.22 -0.49 13.08
N LYS F 11 5.23 0.30 12.81
CA LYS F 11 5.07 1.69 12.39
C LYS F 11 5.83 1.83 11.09
N CYS F 12 5.13 1.87 9.97
CA CYS F 12 5.84 1.66 8.70
C CYS F 12 6.14 2.92 7.87
P PO4 G . 16.77 -4.70 -15.94
O1 PO4 G . 17.69 -5.59 -16.76
O2 PO4 G . 17.57 -4.01 -14.84
O3 PO4 G . 15.68 -5.55 -15.32
O4 PO4 G . 16.16 -3.65 -16.85
P PO4 H . -21.79 23.86 -19.61
O1 PO4 H . -21.70 22.36 -19.43
O2 PO4 H . -20.60 24.51 -18.93
O3 PO4 H . -21.80 24.21 -21.08
O4 PO4 H . -23.08 24.35 -19.00
C1 NAG I . -16.35 -17.32 -20.88
C2 NAG I . -15.32 -17.81 -19.82
C3 NAG I . -15.29 -19.33 -19.69
C4 NAG I . -16.74 -19.87 -19.48
C5 NAG I . -17.56 -19.40 -20.67
C6 NAG I . -18.98 -19.91 -20.63
C7 NAG I . -13.41 -16.21 -19.67
C8 NAG I . -12.03 -15.89 -20.17
N2 NAG I . -13.96 -17.32 -20.19
O3 NAG I . -14.48 -19.74 -18.61
O4 NAG I . -16.73 -21.27 -19.39
O5 NAG I . -17.62 -17.98 -20.62
O6 NAG I . -19.63 -19.64 -21.87
O7 NAG I . -13.99 -15.50 -18.86
P PO4 J . -1.28 0.25 -40.76
O1 PO4 J . -1.94 -0.98 -40.18
O2 PO4 J . 0.19 0.26 -40.36
O3 PO4 J . -1.38 0.22 -42.27
O4 PO4 J . -1.97 1.50 -40.25
OAB MRY K . 4.53 22.66 5.54
CAA MRY K . 3.93 22.99 6.74
CAC MRY K . 4.15 21.94 7.77
OAD MRY K . 5.51 21.70 7.86
CAE MRY K . 3.66 22.45 9.09
OAF MRY K . 2.30 22.70 9.03
CAG MRY K . 3.92 21.43 10.15
OAH MRY K . 3.90 21.99 11.41
C1 NAG L . 22.37 -0.78 21.56
C2 NAG L . 21.73 -1.97 20.81
C3 NAG L . 22.67 -3.19 20.78
C4 NAG L . 24.09 -2.80 20.41
C5 NAG L . 24.55 -1.67 21.31
C6 NAG L . 25.95 -1.21 21.04
C7 NAG L . 19.28 -2.19 20.80
C8 NAG L . 18.07 -2.62 21.58
N2 NAG L . 20.44 -2.33 21.41
O3 NAG L . 22.16 -4.15 19.85
O4 NAG L . 24.97 -3.91 20.59
O5 NAG L . 23.68 -0.56 21.09
O6 NAG L . 26.36 -0.25 22.00
O7 NAG L . 19.17 -1.73 19.66
P PO4 M . -0.77 5.57 40.18
O1 PO4 M . 0.56 4.85 40.21
O2 PO4 M . -1.12 6.15 41.54
O3 PO4 M . -1.83 4.57 39.75
O4 PO4 M . -0.66 6.69 39.19
#